data_7PLJ
#
_entry.id   7PLJ
#
_cell.length_a   143.851
_cell.length_b   137.144
_cell.length_c   85.024
_cell.angle_alpha   90.000
_cell.angle_beta   116.895
_cell.angle_gamma   90.000
#
_symmetry.space_group_name_H-M   'C 1 2 1'
#
loop_
_entity.id
_entity.type
_entity.pdbx_description
1 polymer 'PPK2 domain-containing protein'
2 non-polymer "ADENOSINE-5'-TRIPHOSPHATE"
3 non-polymer "ADENOSINE-5'-DIPHOSPHATE"
4 non-polymer TRIPHOSPHATE
5 non-polymer Tetraphosphate
6 non-polymer GLYCEROL
7 non-polymer 'MAGNESIUM ION'
8 non-polymer DI(HYDROXYETHYL)ETHER
9 non-polymer PYROPHOSPHATE
10 non-polymer 'PHOSPHATE ION'
11 water water
#
_entity_poly.entity_id   1
_entity_poly.type   'polypeptide(L)'
_entity_poly.pdbx_seq_one_letter_code
;MDIDNYRVKPGKRVKLSDWATNDDAGLSKEEGQAQTAKLAGELAEWQERLYAEGKQSLLLILQARDAAGKDGAVKKVIGA
FNPAGVQITSFKQPSAEELSHDFLWRIHQKAPAKGYVGVFNRSQYEDVLVTRVYDMIDDKTAKRRLEHIRHFEELLTDNA
TRIVKVYLHISPEEQKERLQARLDNPGKHWKFNPGDLKDRSNWDKFNDVYEDALTTSTDDAPWYVVPADRKWYRDLVLSH
ILLGALKDMNPQFPAIDYDPSKVVIH
;
_entity_poly.pdbx_strand_id   A,B,C,D
#
# COMPACT_ATOMS: atom_id res chain seq x y z
N MET A 1 -34.28 24.37 -14.09
CA MET A 1 -33.10 23.63 -13.72
C MET A 1 -32.10 23.42 -14.89
N ASP A 2 -31.19 24.37 -15.04
CA ASP A 2 -30.10 24.32 -16.04
C ASP A 2 -28.81 24.15 -15.27
N ILE A 3 -28.33 22.89 -15.14
CA ILE A 3 -27.15 22.63 -14.30
C ILE A 3 -25.92 23.32 -14.85
N ASP A 4 -25.89 23.57 -16.15
CA ASP A 4 -24.71 24.16 -16.74
C ASP A 4 -24.50 25.58 -16.29
N ASN A 5 -25.53 26.26 -15.78
CA ASN A 5 -25.31 27.59 -15.22
C ASN A 5 -24.47 27.59 -13.96
N TYR A 6 -24.37 26.45 -13.27
CA TYR A 6 -23.49 26.30 -12.11
C TYR A 6 -22.08 25.90 -12.49
N ARG A 7 -21.83 25.61 -13.75
CA ARG A 7 -20.49 25.25 -14.16
C ARG A 7 -19.62 26.51 -14.29
N VAL A 8 -18.41 26.46 -13.75
CA VAL A 8 -17.44 27.53 -13.95
C VAL A 8 -16.86 27.37 -15.37
N LYS A 9 -17.22 28.28 -16.27
CA LYS A 9 -16.74 28.15 -17.63
C LYS A 9 -15.25 28.49 -17.67
N PRO A 10 -14.47 27.84 -18.55
CA PRO A 10 -13.01 28.05 -18.53
C PRO A 10 -12.61 29.50 -18.71
N GLY A 11 -11.70 29.94 -17.86
CA GLY A 11 -11.18 31.28 -17.97
C GLY A 11 -12.08 32.37 -17.41
N LYS A 12 -13.27 32.02 -16.91
CA LYS A 12 -14.21 33.00 -16.35
C LYS A 12 -14.05 32.94 -14.84
N ARG A 13 -13.38 33.95 -14.28
CA ARG A 13 -13.11 33.96 -12.85
C ARG A 13 -14.40 34.10 -12.04
N VAL A 14 -14.47 33.39 -10.91
CA VAL A 14 -15.64 33.41 -10.05
C VAL A 14 -15.47 34.52 -9.02
N LYS A 15 -16.52 35.31 -8.82
CA LYS A 15 -16.65 36.15 -7.63
C LYS A 15 -17.79 35.52 -6.83
N LEU A 16 -17.43 34.79 -5.78
CA LEU A 16 -18.42 33.94 -5.10
C LEU A 16 -19.62 34.75 -4.55
N SER A 17 -19.41 36.01 -4.18
CA SER A 17 -20.48 36.84 -3.63
C SER A 17 -21.58 37.14 -4.63
N ASP A 18 -21.34 36.92 -5.92
CA ASP A 18 -22.34 37.09 -6.95
C ASP A 18 -23.03 35.78 -7.31
N TRP A 19 -22.67 34.67 -6.67
CA TRP A 19 -23.30 33.39 -6.96
C TRP A 19 -24.25 33.06 -5.81
N ALA A 20 -25.50 32.74 -6.14
CA ALA A 20 -26.50 32.48 -5.11
C ALA A 20 -26.15 31.23 -4.30
N THR A 21 -26.47 31.27 -3.01
CA THR A 21 -26.27 30.11 -2.14
C THR A 21 -27.55 29.32 -1.91
N ASN A 22 -28.70 29.85 -2.31
CA ASN A 22 -29.95 29.33 -1.78
C ASN A 22 -31.01 29.11 -2.87
N ASP A 23 -30.58 28.74 -4.09
CA ASP A 23 -31.54 28.47 -5.17
C ASP A 23 -32.48 27.32 -4.82
N ASP A 24 -33.68 27.34 -5.43
CA ASP A 24 -34.56 26.18 -5.32
C ASP A 24 -35.23 25.77 -6.64
N ALA A 25 -34.99 26.49 -7.74
CA ALA A 25 -35.60 26.15 -9.02
C ALA A 25 -37.13 26.09 -8.93
N GLY A 26 -37.73 26.83 -8.00
CA GLY A 26 -39.18 26.83 -7.81
C GLY A 26 -39.74 25.58 -7.15
N LEU A 27 -38.88 24.71 -6.64
CA LEU A 27 -39.28 23.46 -6.04
C LEU A 27 -39.31 23.56 -4.52
N SER A 28 -40.18 22.76 -3.90
CA SER A 28 -40.18 22.43 -2.47
C SER A 28 -39.27 21.22 -2.20
N LYS A 29 -39.00 20.99 -0.91
CA LYS A 29 -38.26 19.79 -0.49
C LYS A 29 -38.93 18.51 -1.01
N GLU A 30 -40.27 18.40 -0.88
CA GLU A 30 -40.95 17.18 -1.34
C GLU A 30 -40.76 16.97 -2.84
N GLU A 31 -40.93 18.04 -3.62
CA GLU A 31 -40.77 17.92 -5.07
C GLU A 31 -39.33 17.60 -5.45
N GLY A 32 -38.37 18.31 -4.84
CA GLY A 32 -36.98 18.06 -5.14
C GLY A 32 -36.53 16.66 -4.75
N GLN A 33 -36.92 16.22 -3.55
CA GLN A 33 -36.52 14.87 -3.12
C GLN A 33 -37.13 13.78 -4.00
N ALA A 34 -38.38 13.98 -4.48
CA ALA A 34 -38.96 12.98 -5.39
C ALA A 34 -38.15 12.90 -6.70
N GLN A 35 -37.69 14.05 -7.21
CA GLN A 35 -36.82 13.99 -8.39
C GLN A 35 -35.48 13.30 -8.09
N THR A 36 -34.87 13.61 -6.95
CA THR A 36 -33.62 12.97 -6.55
C THR A 36 -33.79 11.45 -6.44
N ALA A 37 -34.93 10.99 -5.89
CA ALA A 37 -35.19 9.55 -5.78
C ALA A 37 -35.27 8.89 -7.14
N LYS A 38 -35.90 9.56 -8.12
CA LYS A 38 -35.97 9.01 -9.47
C LYS A 38 -34.59 9.00 -10.15
N LEU A 39 -33.82 10.07 -9.98
CA LEU A 39 -32.44 10.09 -10.49
C LEU A 39 -31.57 9.01 -9.84
N ALA A 40 -31.83 8.66 -8.56
CA ALA A 40 -31.01 7.63 -7.89
C ALA A 40 -31.11 6.29 -8.61
N GLY A 41 -32.29 5.95 -9.14
CA GLY A 41 -32.42 4.71 -9.88
C GLY A 41 -31.58 4.74 -11.14
N GLU A 42 -31.55 5.91 -11.80
CA GLU A 42 -30.76 6.04 -13.01
C GLU A 42 -29.27 6.04 -12.71
N LEU A 43 -28.86 6.69 -11.62
CA LEU A 43 -27.46 6.64 -11.20
C LEU A 43 -27.01 5.21 -10.96
N ALA A 44 -27.84 4.41 -10.28
CA ALA A 44 -27.46 3.02 -10.01
C ALA A 44 -27.28 2.24 -11.31
N GLU A 45 -28.19 2.44 -12.25
CA GLU A 45 -28.09 1.71 -13.51
C GLU A 45 -26.85 2.13 -14.30
N TRP A 46 -26.55 3.42 -14.37
CA TRP A 46 -25.39 3.82 -15.18
C TRP A 46 -24.08 3.42 -14.50
N GLN A 47 -24.06 3.43 -13.17
CA GLN A 47 -22.84 3.00 -12.47
C GLN A 47 -22.61 1.48 -12.64
N GLU A 48 -23.70 0.69 -12.65
CA GLU A 48 -23.55 -0.73 -12.94
C GLU A 48 -22.95 -0.95 -14.33
N ARG A 49 -23.39 -0.16 -15.33
CA ARG A 49 -22.80 -0.26 -16.66
C ARG A 49 -21.33 0.17 -16.66
N LEU A 50 -20.99 1.23 -15.92
CA LEU A 50 -19.60 1.64 -15.77
C LEU A 50 -18.74 0.49 -15.26
N TYR A 51 -19.21 -0.19 -14.20
CA TYR A 51 -18.47 -1.29 -13.61
C TYR A 51 -18.38 -2.47 -14.56
N ALA A 52 -19.51 -2.86 -15.17
CA ALA A 52 -19.48 -4.03 -16.06
C ALA A 52 -18.59 -3.77 -17.26
N GLU A 53 -18.56 -2.52 -17.75
CA GLU A 53 -17.73 -2.23 -18.90
C GLU A 53 -16.25 -2.32 -18.54
N GLY A 54 -15.87 -1.79 -17.37
CA GLY A 54 -14.49 -1.88 -16.91
C GLY A 54 -13.50 -1.13 -17.77
N LYS A 55 -13.90 -0.01 -18.40
CA LYS A 55 -12.99 0.76 -19.26
C LYS A 55 -12.74 2.20 -18.83
N GLN A 56 -13.64 2.79 -18.03
CA GLN A 56 -13.59 4.19 -17.69
C GLN A 56 -13.79 4.30 -16.19
N SER A 57 -13.55 5.49 -15.66
CA SER A 57 -13.82 5.75 -14.24
C SER A 57 -14.35 7.15 -14.09
N LEU A 58 -14.96 7.41 -12.92
CA LEU A 58 -15.55 8.71 -12.58
C LEU A 58 -14.92 9.16 -11.27
N LEU A 59 -14.42 10.40 -11.22
CA LEU A 59 -13.83 10.97 -10.00
C LEU A 59 -14.58 12.24 -9.59
N LEU A 60 -15.29 12.18 -8.46
CA LEU A 60 -15.94 13.37 -7.89
C LEU A 60 -15.03 13.95 -6.80
N ILE A 61 -14.73 15.25 -6.92
CA ILE A 61 -13.94 15.98 -5.94
C ILE A 61 -14.87 16.97 -5.23
N LEU A 62 -14.87 16.95 -3.90
CA LEU A 62 -15.71 17.83 -3.09
C LEU A 62 -14.83 18.75 -2.26
N GLN A 63 -15.08 20.04 -2.35
CA GLN A 63 -14.51 21.00 -1.41
C GLN A 63 -15.65 21.89 -0.91
N ALA A 64 -15.61 22.27 0.37
CA ALA A 64 -16.62 23.13 0.97
C ALA A 64 -16.18 23.46 2.39
N ARG A 65 -16.63 24.63 2.87
CA ARG A 65 -16.40 24.97 4.27
C ARG A 65 -17.09 23.96 5.17
N ASP A 66 -16.68 23.94 6.43
CA ASP A 66 -17.25 23.01 7.39
C ASP A 66 -18.76 23.29 7.53
N ALA A 67 -19.53 22.20 7.62
CA ALA A 67 -20.97 22.14 7.70
C ALA A 67 -21.66 22.46 6.38
N ALA A 68 -20.92 22.66 5.29
CA ALA A 68 -21.57 23.01 4.01
C ALA A 68 -22.14 21.80 3.28
N GLY A 69 -21.90 20.58 3.76
CA GLY A 69 -22.69 19.47 3.25
C GLY A 69 -21.96 18.38 2.50
N LYS A 70 -20.63 18.31 2.62
CA LYS A 70 -19.87 17.24 1.95
C LYS A 70 -20.34 15.88 2.45
N ASP A 71 -20.45 15.74 3.78
CA ASP A 71 -20.86 14.47 4.39
C ASP A 71 -22.26 14.09 3.93
N GLY A 72 -23.18 15.04 3.94
CA GLY A 72 -24.55 14.76 3.52
C GLY A 72 -24.68 14.43 2.04
N ALA A 73 -23.94 15.14 1.19
CA ALA A 73 -23.96 14.86 -0.25
C ALA A 73 -23.48 13.44 -0.56
N VAL A 74 -22.44 13.00 0.14
CA VAL A 74 -21.92 11.65 -0.04
C VAL A 74 -22.95 10.62 0.41
N LYS A 75 -23.55 10.82 1.59
CA LYS A 75 -24.57 9.88 2.06
C LYS A 75 -25.73 9.79 1.09
N LYS A 76 -26.27 10.93 0.68
CA LYS A 76 -27.53 10.96 -0.06
C LYS A 76 -27.34 10.60 -1.53
N VAL A 77 -26.31 11.12 -2.18
CA VAL A 77 -26.15 10.97 -3.61
C VAL A 77 -25.26 9.79 -3.94
N ILE A 78 -24.06 9.76 -3.37
CA ILE A 78 -23.17 8.61 -3.59
C ILE A 78 -23.78 7.31 -3.07
N GLY A 79 -24.66 7.40 -2.07
CA GLY A 79 -25.42 6.26 -1.58
C GLY A 79 -26.33 5.62 -2.62
N ALA A 80 -26.59 6.31 -3.73
CA ALA A 80 -27.39 5.74 -4.82
C ALA A 80 -26.62 4.66 -5.58
N PHE A 81 -25.29 4.74 -5.60
CA PHE A 81 -24.45 3.75 -6.27
C PHE A 81 -24.33 2.46 -5.42
N ASN A 82 -24.01 1.38 -6.10
CA ASN A 82 -23.65 0.14 -5.44
C ASN A 82 -22.32 0.39 -4.74
N PRO A 83 -22.24 0.23 -3.42
CA PRO A 83 -20.99 0.56 -2.72
C PRO A 83 -19.84 -0.32 -3.15
N ALA A 84 -20.12 -1.46 -3.76
CA ALA A 84 -19.04 -2.29 -4.31
C ALA A 84 -18.30 -1.59 -5.45
N GLY A 85 -18.91 -0.55 -6.06
CA GLY A 85 -18.28 0.13 -7.18
C GLY A 85 -17.78 1.53 -6.87
N VAL A 86 -17.66 1.88 -5.58
CA VAL A 86 -17.34 3.23 -5.14
C VAL A 86 -16.15 3.16 -4.18
N GLN A 87 -15.24 4.10 -4.32
CA GLN A 87 -14.17 4.28 -3.34
C GLN A 87 -14.22 5.72 -2.83
N ILE A 88 -14.48 5.87 -1.54
CA ILE A 88 -14.56 7.20 -0.93
C ILE A 88 -13.34 7.37 -0.04
N THR A 89 -12.66 8.51 -0.20
CA THR A 89 -11.54 8.91 0.65
C THR A 89 -11.84 10.28 1.24
N SER A 90 -11.77 10.38 2.57
CA SER A 90 -11.89 11.64 3.29
C SER A 90 -10.46 12.04 3.66
N PHE A 91 -9.90 13.00 2.91
CA PHE A 91 -8.52 13.40 3.10
C PHE A 91 -8.44 14.33 4.31
N LYS A 92 -7.63 13.94 5.29
CA LYS A 92 -7.43 14.69 6.52
C LYS A 92 -6.03 15.30 6.50
N GLN A 93 -5.61 15.84 7.65
CA GLN A 93 -4.28 16.43 7.78
C GLN A 93 -3.24 15.42 7.35
N PRO A 94 -2.32 15.78 6.46
CA PRO A 94 -1.26 14.84 6.05
C PRO A 94 -0.50 14.27 7.23
N SER A 95 -0.29 12.96 7.18
CA SER A 95 0.54 12.26 8.16
C SER A 95 2.02 12.58 7.94
N ALA A 96 2.85 12.16 8.89
CA ALA A 96 4.30 12.36 8.71
C ALA A 96 4.78 11.69 7.43
N GLU A 97 4.29 10.47 7.15
CA GLU A 97 4.73 9.80 5.91
C GLU A 97 4.28 10.57 4.67
N GLU A 98 3.04 11.08 4.66
CA GLU A 98 2.55 11.86 3.52
C GLU A 98 3.35 13.15 3.32
N LEU A 99 3.70 13.82 4.42
CA LEU A 99 4.48 15.05 4.33
C LEU A 99 5.89 14.82 3.82
N SER A 100 6.43 13.61 3.95
CA SER A 100 7.74 13.28 3.45
C SER A 100 7.74 13.01 1.96
N HIS A 101 6.58 13.11 1.30
CA HIS A 101 6.42 12.99 -0.15
C HIS A 101 5.88 14.29 -0.74
N ASP A 102 5.90 14.36 -2.07
CA ASP A 102 5.26 15.49 -2.75
C ASP A 102 3.75 15.50 -2.44
N PHE A 103 3.13 16.67 -2.57
CA PHE A 103 1.74 16.80 -2.11
C PHE A 103 0.75 15.96 -2.91
N LEU A 104 1.07 15.56 -4.15
CA LEU A 104 0.13 14.72 -4.90
C LEU A 104 0.34 13.22 -4.69
N TRP A 105 1.36 12.81 -3.95
CA TRP A 105 1.64 11.39 -3.76
C TRP A 105 0.45 10.67 -3.14
N ARG A 106 -0.07 11.20 -2.04
CA ARG A 106 -1.19 10.54 -1.37
C ARG A 106 -2.49 10.66 -2.16
N ILE A 107 -2.60 11.71 -3.00
CA ILE A 107 -3.80 11.92 -3.81
C ILE A 107 -3.81 10.93 -4.96
N HIS A 108 -2.67 10.84 -5.66
CA HIS A 108 -2.58 9.97 -6.82
C HIS A 108 -2.87 8.52 -6.45
N GLN A 109 -2.43 8.10 -5.26
CA GLN A 109 -2.64 6.73 -4.80
C GLN A 109 -4.12 6.32 -4.84
N LYS A 110 -5.02 7.27 -4.53
CA LYS A 110 -6.45 7.01 -4.45
C LYS A 110 -7.22 7.32 -5.73
N ALA A 111 -6.54 7.64 -6.84
CA ALA A 111 -7.28 7.81 -8.10
C ALA A 111 -8.00 6.52 -8.48
N PRO A 112 -9.19 6.59 -9.07
CA PRO A 112 -10.01 5.38 -9.21
C PRO A 112 -9.53 4.42 -10.30
N ALA A 113 -9.70 3.12 -10.05
CA ALA A 113 -9.43 2.11 -11.07
C ALA A 113 -10.53 2.10 -12.14
N LYS A 114 -10.21 1.49 -13.29
CA LYS A 114 -11.21 1.34 -14.34
C LYS A 114 -12.43 0.62 -13.77
N GLY A 115 -13.62 1.13 -14.11
CA GLY A 115 -14.85 0.53 -13.67
C GLY A 115 -15.40 1.15 -12.41
N TYR A 116 -14.61 2.01 -11.72
CA TYR A 116 -14.99 2.53 -10.41
C TYR A 116 -15.35 4.02 -10.42
N VAL A 117 -16.17 4.38 -9.43
CA VAL A 117 -16.39 5.77 -9.03
C VAL A 117 -15.50 6.06 -7.83
N GLY A 118 -14.65 7.09 -7.93
CA GLY A 118 -13.86 7.56 -6.80
C GLY A 118 -14.46 8.86 -6.29
N VAL A 119 -14.45 9.04 -4.96
CA VAL A 119 -14.92 10.28 -4.34
C VAL A 119 -13.84 10.79 -3.40
N PHE A 120 -13.36 12.01 -3.64
CA PHE A 120 -12.41 12.70 -2.78
C PHE A 120 -13.22 13.70 -1.97
N ASN A 121 -13.47 13.37 -0.70
CA ASN A 121 -14.06 14.33 0.25
C ASN A 121 -12.88 15.12 0.81
N ARG A 122 -12.70 16.35 0.28
CA ARG A 122 -11.45 17.10 0.28
C ARG A 122 -10.43 16.41 -0.63
N SER A 123 -9.34 17.08 -1.00
CA SER A 123 -8.60 16.64 -2.18
C SER A 123 -7.26 17.37 -2.23
N GLN A 124 -6.61 17.27 -3.40
CA GLN A 124 -5.42 18.04 -3.70
C GLN A 124 -5.62 19.54 -3.46
N TYR A 125 -6.86 20.04 -3.51
CA TYR A 125 -7.04 21.49 -3.35
C TYR A 125 -6.77 21.97 -1.91
N GLU A 126 -6.85 21.09 -0.91
CA GLU A 126 -6.50 21.50 0.46
C GLU A 126 -5.09 22.08 0.51
N ASP A 127 -4.18 21.56 -0.33
CA ASP A 127 -2.81 22.05 -0.33
C ASP A 127 -2.68 23.45 -0.92
N VAL A 128 -3.75 24.04 -1.49
CA VAL A 128 -3.73 25.44 -1.90
C VAL A 128 -4.90 26.21 -1.27
N LEU A 129 -5.44 25.72 -0.16
CA LEU A 129 -6.55 26.42 0.51
C LEU A 129 -6.11 26.81 1.92
N VAL A 130 -6.30 25.94 2.91
CA VAL A 130 -5.93 26.25 4.30
C VAL A 130 -4.45 26.61 4.39
N THR A 131 -3.61 25.99 3.56
CA THR A 131 -2.17 26.28 3.60
C THR A 131 -1.87 27.72 3.20
N ARG A 132 -2.72 28.35 2.37
CA ARG A 132 -2.47 29.73 1.98
C ARG A 132 -3.01 30.71 3.01
N VAL A 133 -4.21 30.42 3.54
CA VAL A 133 -4.82 31.34 4.49
C VAL A 133 -3.93 31.54 5.69
N TYR A 134 -3.32 30.47 6.19
CA TYR A 134 -2.50 30.54 7.38
C TYR A 134 -0.98 30.58 7.07
N ASP A 135 -0.60 30.92 5.83
CA ASP A 135 0.78 31.22 5.46
C ASP A 135 1.72 30.04 5.69
N MET A 136 1.20 28.82 5.53
CA MET A 136 2.07 27.65 5.46
C MET A 136 2.84 27.61 4.16
N ILE A 137 2.29 28.18 3.09
CA ILE A 137 3.01 28.38 1.83
C ILE A 137 2.79 29.82 1.38
N ASP A 138 3.65 30.29 0.46
CA ASP A 138 3.49 31.62 -0.10
C ASP A 138 2.82 31.56 -1.50
N ASP A 139 2.60 32.74 -2.10
CA ASP A 139 1.89 32.82 -3.38
C ASP A 139 2.63 32.06 -4.48
N LYS A 140 3.96 32.20 -4.53
CA LYS A 140 4.74 31.51 -5.56
C LYS A 140 4.53 30.00 -5.50
N THR A 141 4.64 29.41 -4.30
CA THR A 141 4.40 27.98 -4.16
C THR A 141 2.97 27.62 -4.51
N ALA A 142 2.00 28.44 -4.11
CA ALA A 142 0.61 28.13 -4.39
C ALA A 142 0.33 28.13 -5.90
N LYS A 143 0.88 29.11 -6.62
CA LYS A 143 0.70 29.13 -8.08
C LYS A 143 1.33 27.90 -8.72
N ARG A 144 2.52 27.49 -8.24
CA ARG A 144 3.15 26.29 -8.77
C ARG A 144 2.33 25.03 -8.46
N ARG A 145 1.80 24.93 -7.25
CA ARG A 145 0.92 23.79 -6.92
C ARG A 145 -0.33 23.75 -7.81
N LEU A 146 -0.93 24.92 -8.10
CA LEU A 146 -2.09 24.92 -8.99
C LEU A 146 -1.73 24.41 -10.39
N GLU A 147 -0.53 24.76 -10.88
CA GLU A 147 -0.09 24.22 -12.17
C GLU A 147 0.04 22.69 -12.09
N HIS A 148 0.68 22.17 -11.02
CA HIS A 148 0.82 20.72 -10.86
C HIS A 148 -0.54 20.04 -10.76
N ILE A 149 -1.50 20.69 -10.10
CA ILE A 149 -2.85 20.11 -10.02
C ILE A 149 -3.47 20.00 -11.41
N ARG A 150 -3.39 21.09 -12.19
CA ARG A 150 -3.84 21.07 -13.57
C ARG A 150 -3.22 19.90 -14.34
N HIS A 151 -1.90 19.75 -14.25
CA HIS A 151 -1.21 18.66 -14.93
C HIS A 151 -1.70 17.30 -14.47
N PHE A 152 -1.94 17.16 -13.15
CA PHE A 152 -2.42 15.89 -12.60
C PHE A 152 -3.82 15.56 -13.13
N GLU A 153 -4.69 16.56 -13.19
CA GLU A 153 -6.04 16.32 -13.72
C GLU A 153 -5.99 15.95 -15.20
N GLU A 154 -5.05 16.55 -15.96
CA GLU A 154 -4.89 16.20 -17.37
C GLU A 154 -4.46 14.74 -17.55
N LEU A 155 -3.54 14.28 -16.70
CA LEU A 155 -3.12 12.88 -16.70
C LEU A 155 -4.31 11.94 -16.47
N LEU A 156 -5.14 12.23 -15.46
CA LEU A 156 -6.28 11.35 -15.19
C LEU A 156 -7.29 11.41 -16.34
N THR A 157 -7.57 12.60 -16.88
CA THR A 157 -8.48 12.70 -18.02
C THR A 157 -8.01 11.83 -19.18
N ASP A 158 -6.71 11.88 -19.46
CA ASP A 158 -6.21 11.09 -20.59
C ASP A 158 -6.27 9.59 -20.34
N ASN A 159 -6.43 9.16 -19.08
CA ASN A 159 -6.66 7.78 -18.63
C ASN A 159 -8.16 7.40 -18.61
N ALA A 160 -9.03 8.21 -19.22
CA ALA A 160 -10.49 8.02 -19.22
C ALA A 160 -11.08 8.10 -17.81
N THR A 161 -10.41 8.83 -16.91
CA THR A 161 -11.02 9.23 -15.64
C THR A 161 -11.75 10.55 -15.85
N ARG A 162 -13.07 10.49 -15.81
CA ARG A 162 -13.92 11.66 -15.94
C ARG A 162 -13.95 12.43 -14.62
N ILE A 163 -13.46 13.67 -14.64
CA ILE A 163 -13.32 14.46 -13.42
C ILE A 163 -14.46 15.44 -13.26
N VAL A 164 -15.07 15.47 -12.08
CA VAL A 164 -16.06 16.48 -11.72
C VAL A 164 -15.64 17.06 -10.37
N LYS A 165 -15.46 18.39 -10.32
CA LYS A 165 -15.14 19.10 -9.09
C LYS A 165 -16.33 19.93 -8.63
N VAL A 166 -16.70 19.81 -7.36
CA VAL A 166 -17.90 20.45 -6.84
C VAL A 166 -17.52 21.24 -5.59
N TYR A 167 -17.78 22.54 -5.62
CA TYR A 167 -17.70 23.41 -4.44
C TYR A 167 -19.12 23.64 -3.94
N LEU A 168 -19.39 23.24 -2.69
CA LEU A 168 -20.70 23.47 -2.07
C LEU A 168 -20.74 24.86 -1.44
N HIS A 169 -21.61 25.73 -1.95
CA HIS A 169 -21.57 27.15 -1.65
C HIS A 169 -22.69 27.49 -0.65
N ILE A 170 -22.32 27.84 0.60
CA ILE A 170 -23.32 28.27 1.59
C ILE A 170 -22.94 29.64 2.11
N SER A 171 -23.94 30.37 2.58
CA SER A 171 -23.74 31.71 3.12
C SER A 171 -23.16 31.63 4.53
N PRO A 172 -22.50 32.70 4.99
CA PRO A 172 -22.02 32.72 6.39
C PRO A 172 -23.15 32.53 7.40
N GLU A 173 -24.32 33.08 7.13
CA GLU A 173 -25.43 32.89 8.07
C GLU A 173 -25.87 31.43 8.10
N GLU A 174 -25.91 30.78 6.94
CA GLU A 174 -26.28 29.37 6.93
C GLU A 174 -25.27 28.56 7.72
N GLN A 175 -23.97 28.82 7.53
CA GLN A 175 -22.98 28.06 8.28
C GLN A 175 -23.15 28.26 9.77
N LYS A 176 -23.44 29.49 10.20
CA LYS A 176 -23.59 29.79 11.62
C LYS A 176 -24.72 28.97 12.22
N GLU A 177 -25.88 28.88 11.53
CA GLU A 177 -27.01 28.09 12.03
C GLU A 177 -26.64 26.61 12.10
N ARG A 178 -25.93 26.10 11.10
CA ARG A 178 -25.57 24.68 11.12
C ARG A 178 -24.55 24.38 12.21
N LEU A 179 -23.60 25.28 12.43
CA LEU A 179 -22.66 25.08 13.52
C LEU A 179 -23.36 25.18 14.86
N GLN A 180 -24.31 26.11 15.00
CA GLN A 180 -25.08 26.20 16.23
C GLN A 180 -25.83 24.90 16.50
N ALA A 181 -26.35 24.27 15.44
CA ALA A 181 -27.08 23.00 15.61
C ALA A 181 -26.15 21.91 16.11
N ARG A 182 -24.88 21.94 15.72
CA ARG A 182 -23.93 20.99 16.29
C ARG A 182 -23.74 21.22 17.78
N LEU A 183 -23.61 22.49 18.18
CA LEU A 183 -23.46 22.83 19.60
C LEU A 183 -24.69 22.44 20.37
N ASP A 184 -25.87 22.53 19.74
CA ASP A 184 -27.12 22.28 20.45
C ASP A 184 -27.43 20.78 20.62
N ASN A 185 -26.87 19.92 19.81
CA ASN A 185 -27.23 18.52 19.74
C ASN A 185 -26.17 17.66 20.40
N PRO A 186 -26.48 16.95 21.48
CA PRO A 186 -25.45 16.15 22.16
C PRO A 186 -24.79 15.13 21.24
N GLY A 187 -25.52 14.59 20.27
CA GLY A 187 -24.86 13.66 19.38
C GLY A 187 -24.01 14.29 18.30
N LYS A 188 -23.92 15.62 18.25
CA LYS A 188 -23.12 16.30 17.23
C LYS A 188 -22.03 17.22 17.78
N HIS A 189 -21.95 17.39 19.11
CA HIS A 189 -20.89 18.19 19.74
C HIS A 189 -19.51 17.77 19.24
N TRP A 190 -19.30 16.45 19.04
CA TRP A 190 -17.99 15.93 18.68
C TRP A 190 -17.47 16.48 17.33
N LYS A 191 -18.33 17.08 16.52
CA LYS A 191 -17.97 17.66 15.22
C LYS A 191 -17.72 19.15 15.28
N PHE A 192 -17.81 19.75 16.45
CA PHE A 192 -17.51 21.16 16.57
C PHE A 192 -16.05 21.22 16.99
N ASN A 193 -15.26 22.02 16.28
CA ASN A 193 -13.82 22.06 16.44
C ASN A 193 -13.35 23.50 16.56
N PRO A 194 -12.21 23.74 17.25
CA PRO A 194 -11.71 25.12 17.40
C PRO A 194 -11.47 25.83 16.07
N GLY A 195 -11.05 25.09 15.05
CA GLY A 195 -10.87 25.67 13.74
C GLY A 195 -12.14 26.28 13.15
N ASP A 196 -13.30 25.81 13.58
CA ASP A 196 -14.54 26.36 13.05
C ASP A 196 -14.59 27.88 13.22
N LEU A 197 -14.25 28.37 14.41
CA LEU A 197 -14.34 29.81 14.61
C LEU A 197 -13.17 30.55 13.98
N LYS A 198 -11.97 30.00 14.04
CA LYS A 198 -10.82 30.65 13.41
C LYS A 198 -11.06 30.86 11.91
N ASP A 199 -11.60 29.84 11.23
CA ASP A 199 -11.80 29.96 9.77
C ASP A 199 -12.89 30.97 9.42
N ARG A 200 -13.91 31.09 10.28
CA ARG A 200 -14.94 32.11 10.06
C ARG A 200 -14.38 33.50 10.13
N SER A 201 -13.51 33.77 11.10
CA SER A 201 -12.83 35.05 11.14
C SER A 201 -12.00 35.30 9.89
N ASN A 202 -11.67 34.24 9.12
CA ASN A 202 -10.94 34.40 7.87
C ASN A 202 -11.81 34.14 6.64
N TRP A 203 -13.12 34.39 6.74
CA TRP A 203 -14.07 34.06 5.67
C TRP A 203 -13.61 34.66 4.33
N ASP A 204 -13.29 35.95 4.32
CA ASP A 204 -12.97 36.60 3.03
C ASP A 204 -11.67 36.08 2.44
N LYS A 205 -10.67 35.79 3.29
CA LYS A 205 -9.43 35.18 2.80
C LYS A 205 -9.69 33.82 2.16
N PHE A 206 -10.61 33.04 2.74
CA PHE A 206 -10.96 31.77 2.13
C PHE A 206 -11.69 31.98 0.82
N ASN A 207 -12.58 32.98 0.74
CA ASN A 207 -13.15 33.29 -0.56
C ASN A 207 -12.07 33.52 -1.61
N ASP A 208 -11.02 34.27 -1.25
CA ASP A 208 -9.96 34.56 -2.22
C ASP A 208 -9.31 33.27 -2.70
N VAL A 209 -8.99 32.36 -1.77
CA VAL A 209 -8.24 31.19 -2.19
C VAL A 209 -9.13 30.17 -2.89
N TYR A 210 -10.43 30.10 -2.53
CA TYR A 210 -11.33 29.25 -3.30
C TYR A 210 -11.48 29.78 -4.73
N GLU A 211 -11.59 31.10 -4.89
CA GLU A 211 -11.73 31.65 -6.25
C GLU A 211 -10.48 31.36 -7.09
N ASP A 212 -9.30 31.43 -6.47
CA ASP A 212 -8.08 30.97 -7.17
C ASP A 212 -8.17 29.50 -7.53
N ALA A 213 -8.62 28.65 -6.58
CA ALA A 213 -8.70 27.21 -6.87
C ALA A 213 -9.69 26.93 -8.00
N LEU A 214 -10.79 27.69 -8.06
CA LEU A 214 -11.79 27.51 -9.10
C LEU A 214 -11.25 27.82 -10.51
N THR A 215 -10.12 28.53 -10.63
CA THR A 215 -9.55 28.80 -11.97
C THR A 215 -9.03 27.55 -12.66
N THR A 216 -8.94 26.39 -11.99
CA THR A 216 -8.58 25.16 -12.69
C THR A 216 -9.76 24.55 -13.43
N SER A 217 -10.93 25.19 -13.39
CA SER A 217 -12.09 24.69 -14.12
C SER A 217 -11.81 24.67 -15.63
N THR A 218 -11.94 23.50 -16.25
CA THR A 218 -11.80 23.36 -17.69
C THR A 218 -12.99 22.58 -18.23
N ASP A 219 -13.11 22.51 -19.57
CA ASP A 219 -14.19 21.66 -20.08
C ASP A 219 -13.99 20.21 -19.65
N ASP A 220 -12.73 19.74 -19.63
CA ASP A 220 -12.43 18.36 -19.30
C ASP A 220 -12.53 18.10 -17.80
N ALA A 221 -12.22 19.10 -16.98
CA ALA A 221 -12.19 18.98 -15.51
C ALA A 221 -12.92 20.20 -14.94
N PRO A 222 -14.26 20.20 -15.04
CA PRO A 222 -15.03 21.39 -14.63
C PRO A 222 -15.19 21.45 -13.13
N TRP A 223 -15.20 22.67 -12.61
CA TRP A 223 -15.77 23.00 -11.31
C TRP A 223 -17.23 23.40 -11.50
N TYR A 224 -18.07 22.98 -10.54
CA TYR A 224 -19.43 23.47 -10.35
C TYR A 224 -19.54 24.15 -8.99
N VAL A 225 -20.21 25.28 -8.95
CA VAL A 225 -20.48 26.01 -7.72
C VAL A 225 -21.95 25.76 -7.39
N VAL A 226 -22.21 24.88 -6.45
CA VAL A 226 -23.56 24.40 -6.20
C VAL A 226 -24.19 25.21 -5.07
N PRO A 227 -25.34 25.87 -5.28
CA PRO A 227 -26.04 26.54 -4.16
C PRO A 227 -26.50 25.50 -3.15
N ALA A 228 -25.95 25.51 -1.93
CA ALA A 228 -26.08 24.39 -1.00
C ALA A 228 -26.75 24.75 0.34
N ASP A 229 -27.30 25.97 0.48
CA ASP A 229 -28.07 26.32 1.69
C ASP A 229 -29.26 25.38 1.87
N ARG A 230 -29.88 24.93 0.77
CA ARG A 230 -30.98 23.97 0.83
C ARG A 230 -30.37 22.59 0.57
N LYS A 231 -30.35 21.73 1.61
CA LYS A 231 -29.63 20.47 1.49
C LYS A 231 -30.25 19.59 0.41
N TRP A 232 -31.58 19.58 0.32
CA TRP A 232 -32.24 18.80 -0.74
C TRP A 232 -31.87 19.32 -2.14
N TYR A 233 -31.64 20.62 -2.28
CA TYR A 233 -31.31 21.15 -3.59
C TYR A 233 -29.87 20.79 -3.96
N ARG A 234 -28.96 20.87 -2.98
CA ARG A 234 -27.62 20.34 -3.16
C ARG A 234 -27.65 18.93 -3.74
N ASP A 235 -28.45 18.04 -3.11
CA ASP A 235 -28.50 16.63 -3.56
C ASP A 235 -29.09 16.51 -4.96
N LEU A 236 -30.14 17.28 -5.26
CA LEU A 236 -30.74 17.26 -6.59
C LEU A 236 -29.75 17.71 -7.66
N VAL A 237 -29.07 18.83 -7.42
CA VAL A 237 -28.11 19.35 -8.39
C VAL A 237 -26.95 18.37 -8.59
N LEU A 238 -26.38 17.84 -7.50
CA LEU A 238 -25.27 16.90 -7.61
C LEU A 238 -25.70 15.62 -8.34
N SER A 239 -26.95 15.17 -8.11
CA SER A 239 -27.44 14.01 -8.81
C SER A 239 -27.46 14.26 -10.30
N HIS A 240 -27.92 15.45 -10.72
CA HIS A 240 -27.91 15.80 -12.14
C HIS A 240 -26.48 15.86 -12.69
N ILE A 241 -25.55 16.48 -11.95
CA ILE A 241 -24.19 16.59 -12.46
C ILE A 241 -23.59 15.20 -12.69
N LEU A 242 -23.72 14.31 -11.71
CA LEU A 242 -23.14 12.97 -11.87
C LEU A 242 -23.88 12.16 -12.96
N LEU A 243 -25.21 12.26 -13.02
CA LEU A 243 -25.91 11.50 -14.05
C LEU A 243 -25.55 12.01 -15.44
N GLY A 244 -25.44 13.32 -15.61
CA GLY A 244 -25.03 13.84 -16.90
C GLY A 244 -23.67 13.31 -17.33
N ALA A 245 -22.72 13.24 -16.40
CA ALA A 245 -21.39 12.75 -16.70
C ALA A 245 -21.44 11.28 -17.11
N LEU A 246 -22.14 10.44 -16.33
CA LEU A 246 -22.23 9.01 -16.67
C LEU A 246 -22.92 8.79 -18.02
N LYS A 247 -24.01 9.52 -18.29
CA LYS A 247 -24.68 9.35 -19.58
C LYS A 247 -23.77 9.75 -20.74
N ASP A 248 -22.98 10.80 -20.55
CA ASP A 248 -22.06 11.21 -21.61
C ASP A 248 -20.92 10.21 -21.78
N MET A 249 -20.43 9.65 -20.68
CA MET A 249 -19.42 8.59 -20.76
C MET A 249 -19.97 7.37 -21.48
N ASN A 250 -21.28 7.12 -21.32
CA ASN A 250 -22.02 6.10 -22.06
C ASN A 250 -21.42 4.69 -21.98
N PRO A 251 -21.13 4.20 -20.77
CA PRO A 251 -20.57 2.84 -20.67
C PRO A 251 -21.57 1.82 -21.18
N GLN A 252 -21.05 0.77 -21.82
CA GLN A 252 -21.83 -0.32 -22.42
C GLN A 252 -21.57 -1.64 -21.71
N PHE A 253 -22.62 -2.42 -21.49
CA PHE A 253 -22.44 -3.78 -21.02
C PHE A 253 -21.51 -4.54 -21.96
N PRO A 254 -20.63 -5.39 -21.45
CA PRO A 254 -19.71 -6.11 -22.34
C PRO A 254 -20.42 -7.23 -23.11
N ALA A 255 -19.81 -7.60 -24.23
CA ALA A 255 -20.28 -8.75 -24.99
C ALA A 255 -20.07 -10.02 -24.18
N ILE A 256 -20.99 -10.96 -24.32
CA ILE A 256 -20.92 -12.22 -23.60
C ILE A 256 -20.62 -13.35 -24.57
N ASP A 257 -20.08 -14.44 -24.03
CA ASP A 257 -19.67 -15.59 -24.84
C ASP A 257 -20.60 -16.80 -24.69
N TYR A 258 -21.93 -16.57 -24.66
CA TYR A 258 -22.88 -17.67 -24.60
C TYR A 258 -24.25 -17.19 -25.02
N ASP A 259 -25.14 -18.15 -25.29
CA ASP A 259 -26.53 -17.85 -25.60
C ASP A 259 -27.36 -18.04 -24.33
N PRO A 260 -27.83 -16.96 -23.68
CA PRO A 260 -28.56 -17.13 -22.41
C PRO A 260 -29.79 -18.01 -22.54
N SER A 261 -30.49 -17.99 -23.67
CA SER A 261 -31.69 -18.80 -23.80
C SER A 261 -31.37 -20.29 -23.87
N LYS A 262 -30.13 -20.66 -24.14
CA LYS A 262 -29.72 -22.05 -24.27
C LYS A 262 -29.12 -22.61 -22.99
N VAL A 263 -28.94 -21.78 -21.97
CA VAL A 263 -28.41 -22.29 -20.71
C VAL A 263 -29.52 -23.03 -19.99
N VAL A 264 -29.21 -24.25 -19.54
CA VAL A 264 -30.15 -25.04 -18.75
C VAL A 264 -29.56 -25.17 -17.35
N ILE A 265 -30.28 -24.65 -16.36
CA ILE A 265 -29.88 -24.76 -14.97
C ILE A 265 -30.53 -26.01 -14.38
N HIS A 266 -29.71 -26.97 -13.98
CA HIS A 266 -30.14 -28.07 -13.14
C HIS A 266 -29.89 -27.67 -11.68
N MET B 1 -38.47 -12.84 17.61
CA MET B 1 -37.26 -13.30 16.93
C MET B 1 -36.04 -13.39 17.86
N ASP B 2 -35.39 -14.55 17.88
CA ASP B 2 -34.16 -14.76 18.66
C ASP B 2 -33.00 -15.02 17.71
N ILE B 3 -32.21 -13.98 17.40
CA ILE B 3 -31.13 -14.20 16.47
C ILE B 3 -30.07 -15.15 17.04
N ASP B 4 -30.04 -15.38 18.36
CA ASP B 4 -29.02 -16.30 18.83
C ASP B 4 -29.27 -17.72 18.36
N ASN B 5 -30.50 -18.03 17.93
CA ASN B 5 -30.75 -19.33 17.32
C ASN B 5 -30.02 -19.51 16.01
N TYR B 6 -29.61 -18.43 15.35
CA TYR B 6 -28.81 -18.56 14.14
C TYR B 6 -27.31 -18.61 14.42
N ARG B 7 -26.89 -18.42 15.66
CA ARG B 7 -25.46 -18.47 15.98
C ARG B 7 -25.01 -19.93 16.09
N VAL B 8 -23.87 -20.24 15.45
CA VAL B 8 -23.24 -21.55 15.55
C VAL B 8 -22.52 -21.63 16.90
N LYS B 9 -22.98 -22.51 17.77
CA LYS B 9 -22.33 -22.55 19.08
C LYS B 9 -20.99 -23.26 19.01
N PRO B 10 -20.01 -22.81 19.79
CA PRO B 10 -18.67 -23.42 19.71
C PRO B 10 -18.73 -24.91 19.99
N GLY B 11 -18.00 -25.67 19.17
CA GLY B 11 -17.91 -27.10 19.33
C GLY B 11 -19.07 -27.91 18.77
N LYS B 12 -20.12 -27.26 18.27
CA LYS B 12 -21.29 -27.95 17.71
C LYS B 12 -21.18 -27.94 16.20
N ARG B 13 -20.90 -29.10 15.60
CA ARG B 13 -20.75 -29.14 14.15
C ARG B 13 -22.09 -28.87 13.48
N VAL B 14 -22.04 -28.09 12.39
CA VAL B 14 -23.25 -27.69 11.66
C VAL B 14 -23.58 -28.76 10.62
N LYS B 15 -24.82 -29.19 10.58
CA LYS B 15 -25.34 -29.93 9.44
C LYS B 15 -26.31 -28.98 8.74
N LEU B 16 -25.86 -28.37 7.64
CA LEU B 16 -26.63 -27.27 7.05
C LEU B 16 -28.05 -27.69 6.62
N SER B 17 -28.23 -28.95 6.22
CA SER B 17 -29.54 -29.37 5.75
C SER B 17 -30.59 -29.29 6.85
N ASP B 18 -30.17 -29.19 8.12
CA ASP B 18 -31.07 -29.03 9.25
C ASP B 18 -31.27 -27.59 9.66
N TRP B 19 -30.68 -26.64 8.95
CA TRP B 19 -30.84 -25.23 9.27
C TRP B 19 -31.78 -24.59 8.25
N ALA B 20 -32.72 -23.80 8.74
CA ALA B 20 -33.76 -23.23 7.87
C ALA B 20 -33.16 -22.27 6.86
N THR B 21 -33.69 -22.31 5.62
CA THR B 21 -33.34 -21.33 4.61
C THR B 21 -34.40 -20.26 4.43
N ASN B 22 -35.61 -20.50 4.96
CA ASN B 22 -36.81 -19.79 4.54
C ASN B 22 -37.62 -19.23 5.72
N ASP B 23 -36.98 -18.93 6.84
CA ASP B 23 -37.69 -18.35 7.98
C ASP B 23 -38.27 -16.98 7.62
N ASP B 24 -39.38 -16.63 8.32
CA ASP B 24 -39.88 -15.26 8.30
C ASP B 24 -40.25 -14.75 9.70
N ALA B 25 -40.02 -15.52 10.76
CA ALA B 25 -40.35 -15.12 12.13
C ALA B 25 -41.81 -14.70 12.26
N GLY B 26 -42.68 -15.23 11.39
CA GLY B 26 -44.08 -14.86 11.48
C GLY B 26 -44.42 -13.47 11.02
N LEU B 27 -43.47 -12.76 10.37
CA LEU B 27 -43.66 -11.40 9.94
C LEU B 27 -44.02 -11.34 8.46
N SER B 28 -44.79 -10.32 8.07
CA SER B 28 -44.94 -10.04 6.64
C SER B 28 -43.73 -9.28 6.13
N LYS B 29 -43.55 -9.28 4.80
CA LYS B 29 -42.46 -8.51 4.20
C LYS B 29 -42.51 -7.04 4.63
N GLU B 30 -43.70 -6.44 4.58
CA GLU B 30 -43.84 -5.03 4.94
C GLU B 30 -43.45 -4.76 6.40
N GLU B 31 -43.89 -5.61 7.34
CA GLU B 31 -43.46 -5.43 8.72
C GLU B 31 -41.94 -5.60 8.85
N GLY B 32 -41.38 -6.58 8.16
CA GLY B 32 -39.94 -6.80 8.21
C GLY B 32 -39.17 -5.63 7.65
N GLN B 33 -39.60 -5.09 6.51
CA GLN B 33 -38.95 -3.93 5.91
C GLN B 33 -39.05 -2.70 6.82
N ALA B 34 -40.19 -2.51 7.46
CA ALA B 34 -40.34 -1.37 8.37
C ALA B 34 -39.41 -1.50 9.56
N GLN B 35 -39.28 -2.72 10.11
CA GLN B 35 -38.36 -2.93 11.22
C GLN B 35 -36.93 -2.69 10.78
N THR B 36 -36.59 -3.14 9.56
CA THR B 36 -35.26 -2.89 9.04
C THR B 36 -34.97 -1.38 8.92
N ALA B 37 -35.97 -0.60 8.50
CA ALA B 37 -35.77 0.84 8.39
C ALA B 37 -35.50 1.47 9.75
N LYS B 38 -36.20 1.00 10.79
CA LYS B 38 -35.99 1.52 12.14
C LYS B 38 -34.61 1.17 12.67
N LEU B 39 -34.19 -0.09 12.47
CA LEU B 39 -32.86 -0.52 12.85
C LEU B 39 -31.79 0.26 12.10
N ALA B 40 -32.07 0.69 10.87
CA ALA B 40 -31.07 1.46 10.13
C ALA B 40 -30.71 2.76 10.83
N GLY B 41 -31.70 3.45 11.40
CA GLY B 41 -31.41 4.66 12.17
C GLY B 41 -30.53 4.36 13.37
N GLU B 42 -30.78 3.25 14.05
CA GLU B 42 -29.94 2.90 15.21
C GLU B 42 -28.55 2.49 14.78
N LEU B 43 -28.44 1.75 13.67
CA LEU B 43 -27.13 1.39 13.16
C LEU B 43 -26.31 2.65 12.87
N ALA B 44 -26.96 3.67 12.27
CA ALA B 44 -26.23 4.90 11.96
C ALA B 44 -25.76 5.59 13.22
N GLU B 45 -26.62 5.69 14.24
CA GLU B 45 -26.20 6.40 15.45
C GLU B 45 -25.07 5.65 16.14
N TRP B 46 -25.15 4.31 16.24
CA TRP B 46 -24.09 3.59 16.94
C TRP B 46 -22.78 3.59 16.15
N GLN B 47 -22.86 3.56 14.81
CA GLN B 47 -21.64 3.64 14.03
C GLN B 47 -20.98 5.02 14.15
N GLU B 48 -21.77 6.09 14.23
CA GLU B 48 -21.22 7.42 14.44
C GLU B 48 -20.46 7.47 15.78
N ARG B 49 -21.03 6.85 16.81
CA ARG B 49 -20.33 6.77 18.11
C ARG B 49 -19.06 5.96 18.00
N LEU B 50 -19.10 4.87 17.24
CA LEU B 50 -17.90 4.08 17.00
C LEU B 50 -16.79 4.93 16.39
N TYR B 51 -17.14 5.73 15.37
CA TYR B 51 -16.14 6.58 14.69
C TYR B 51 -15.62 7.68 15.62
N ALA B 52 -16.53 8.36 16.31
CA ALA B 52 -16.13 9.48 17.16
C ALA B 52 -15.23 9.02 18.30
N GLU B 53 -15.50 7.83 18.84
CA GLU B 53 -14.72 7.29 19.94
C GLU B 53 -13.29 6.94 19.48
N GLY B 54 -13.17 6.33 18.31
CA GLY B 54 -11.85 6.01 17.76
C GLY B 54 -11.02 5.00 18.55
N LYS B 55 -11.65 4.03 19.22
CA LYS B 55 -10.95 3.05 20.04
C LYS B 55 -11.16 1.59 19.63
N GLN B 56 -12.21 1.30 18.87
CA GLN B 56 -12.63 -0.06 18.55
C GLN B 56 -13.00 -0.13 17.07
N SER B 57 -13.16 -1.35 16.57
CA SER B 57 -13.60 -1.53 15.20
C SER B 57 -14.53 -2.73 15.10
N LEU B 58 -15.28 -2.78 14.00
CA LEU B 58 -16.21 -3.87 13.71
C LEU B 58 -15.83 -4.49 12.37
N LEU B 59 -15.73 -5.82 12.30
CA LEU B 59 -15.43 -6.52 11.06
C LEU B 59 -16.54 -7.50 10.76
N LEU B 60 -17.26 -7.26 9.66
CA LEU B 60 -18.29 -8.19 9.16
C LEU B 60 -17.69 -9.00 8.03
N ILE B 61 -17.77 -10.32 8.14
CA ILE B 61 -17.31 -11.23 7.09
C ILE B 61 -18.56 -11.87 6.50
N LEU B 62 -18.70 -11.80 5.18
CA LEU B 62 -19.81 -12.41 4.47
C LEU B 62 -19.29 -13.52 3.56
N GLN B 63 -19.86 -14.74 3.69
CA GLN B 63 -19.64 -15.82 2.76
C GLN B 63 -20.98 -16.41 2.35
N ALA B 64 -21.09 -16.78 1.08
CA ALA B 64 -22.35 -17.32 0.59
C ALA B 64 -22.17 -17.77 -0.85
N ARG B 65 -22.97 -18.74 -1.28
N ARG B 65 -22.98 -18.74 -1.27
CA ARG B 65 -22.92 -19.13 -2.67
CA ARG B 65 -22.99 -19.15 -2.67
C ARG B 65 -23.44 -18.02 -3.56
C ARG B 65 -23.41 -17.98 -3.56
N ASP B 66 -23.12 -18.10 -4.84
CA ASP B 66 -23.50 -17.05 -5.78
C ASP B 66 -25.02 -16.87 -5.78
N ALA B 67 -25.45 -15.61 -5.82
CA ALA B 67 -26.82 -15.13 -5.79
C ALA B 67 -27.48 -15.22 -4.42
N ALA B 68 -26.73 -15.60 -3.36
CA ALA B 68 -27.37 -15.77 -2.07
C ALA B 68 -27.56 -14.47 -1.31
N GLY B 69 -27.04 -13.34 -1.81
CA GLY B 69 -27.42 -12.03 -1.28
C GLY B 69 -26.31 -11.22 -0.64
N LYS B 70 -25.05 -11.55 -0.90
CA LYS B 70 -23.95 -10.77 -0.31
C LYS B 70 -24.04 -9.32 -0.80
N ASP B 71 -24.14 -9.14 -2.11
CA ASP B 71 -24.20 -7.81 -2.68
C ASP B 71 -25.40 -7.04 -2.15
N GLY B 72 -26.56 -7.69 -2.10
CA GLY B 72 -27.77 -7.05 -1.60
C GLY B 72 -27.69 -6.68 -0.13
N ALA B 73 -27.10 -7.57 0.69
CA ALA B 73 -26.96 -7.28 2.13
C ALA B 73 -26.05 -6.08 2.36
N VAL B 74 -24.98 -5.98 1.59
CA VAL B 74 -24.09 -4.83 1.72
C VAL B 74 -24.82 -3.55 1.33
N LYS B 75 -25.52 -3.58 0.19
CA LYS B 75 -26.28 -2.40 -0.24
C LYS B 75 -27.30 -1.98 0.80
N LYS B 76 -28.09 -2.93 1.29
CA LYS B 76 -29.24 -2.58 2.12
C LYS B 76 -28.81 -2.28 3.55
N VAL B 77 -28.02 -3.15 4.14
CA VAL B 77 -27.73 -3.03 5.57
C VAL B 77 -26.50 -2.17 5.82
N ILE B 78 -25.38 -2.49 5.15
CA ILE B 78 -24.18 -1.67 5.33
C ILE B 78 -24.43 -0.25 4.81
N GLY B 79 -25.39 -0.11 3.89
CA GLY B 79 -25.85 1.20 3.40
C GLY B 79 -26.45 2.07 4.48
N ALA B 80 -26.80 1.48 5.65
CA ALA B 80 -27.32 2.28 6.76
C ALA B 80 -26.23 3.10 7.43
N PHE B 81 -24.98 2.64 7.36
CA PHE B 81 -23.86 3.37 7.96
C PHE B 81 -23.48 4.57 7.11
N ASN B 82 -22.83 5.54 7.72
CA ASN B 82 -22.22 6.62 6.96
C ASN B 82 -21.08 6.02 6.14
N PRO B 83 -21.08 6.17 4.80
CA PRO B 83 -20.00 5.54 4.02
C PRO B 83 -18.62 6.06 4.37
N ALA B 84 -18.51 7.22 5.01
CA ALA B 84 -17.20 7.70 5.46
C ALA B 84 -16.60 6.81 6.55
N GLY B 85 -17.41 5.99 7.23
CA GLY B 85 -16.94 5.17 8.34
C GLY B 85 -16.85 3.70 8.01
N VAL B 86 -16.92 3.34 6.73
CA VAL B 86 -17.02 1.96 6.27
C VAL B 86 -15.95 1.69 5.23
N GLN B 87 -15.32 0.53 5.32
CA GLN B 87 -14.41 0.08 4.27
C GLN B 87 -14.91 -1.27 3.83
N ILE B 88 -15.34 -1.37 2.57
CA ILE B 88 -15.84 -2.61 2.01
C ILE B 88 -14.78 -3.11 1.05
N THR B 89 -14.44 -4.39 1.16
CA THR B 89 -13.54 -5.08 0.23
C THR B 89 -14.27 -6.30 -0.33
N SER B 90 -14.32 -6.41 -1.66
CA SER B 90 -14.85 -7.59 -2.34
C SER B 90 -13.64 -8.43 -2.76
N PHE B 91 -13.39 -9.52 -2.05
CA PHE B 91 -12.19 -10.29 -2.32
C PHE B 91 -12.44 -11.19 -3.52
N LYS B 92 -11.62 -11.03 -4.56
CA LYS B 92 -11.75 -11.80 -5.79
C LYS B 92 -10.57 -12.76 -5.91
N GLN B 93 -10.42 -13.39 -7.08
CA GLN B 93 -9.30 -14.32 -7.30
C GLN B 93 -7.98 -13.63 -6.97
N PRO B 94 -7.13 -14.24 -6.13
CA PRO B 94 -5.84 -13.62 -5.79
C PRO B 94 -5.04 -13.26 -7.04
N SER B 95 -4.51 -12.06 -7.02
CA SER B 95 -3.61 -11.61 -8.08
C SER B 95 -2.27 -12.36 -7.99
N ALA B 96 -1.45 -12.19 -9.03
CA ALA B 96 -0.10 -12.75 -8.96
C ALA B 96 0.66 -12.23 -7.74
N GLU B 97 0.53 -10.94 -7.42
CA GLU B 97 1.26 -10.44 -6.27
C GLU B 97 0.74 -11.07 -4.99
N GLU B 98 -0.59 -11.23 -4.88
CA GLU B 98 -1.14 -11.81 -3.65
C GLU B 98 -0.72 -13.27 -3.50
N LEU B 99 -0.68 -14.01 -4.62
CA LEU B 99 -0.27 -15.42 -4.56
C LEU B 99 1.19 -15.57 -4.18
N SER B 100 2.00 -14.52 -4.36
CA SER B 100 3.40 -14.62 -3.96
C SER B 100 3.59 -14.42 -2.46
N HIS B 101 2.53 -14.20 -1.70
CA HIS B 101 2.56 -14.06 -0.25
C HIS B 101 1.70 -15.15 0.39
N ASP B 102 1.79 -15.24 1.72
CA ASP B 102 0.91 -16.14 2.46
C ASP B 102 -0.56 -15.72 2.24
N PHE B 103 -1.49 -16.67 2.39
CA PHE B 103 -2.89 -16.38 2.04
C PHE B 103 -3.54 -15.31 2.92
N LEU B 104 -3.03 -15.05 4.13
CA LEU B 104 -3.60 -13.99 4.96
C LEU B 104 -2.98 -12.62 4.71
N TRP B 105 -1.94 -12.53 3.89
CA TRP B 105 -1.30 -11.24 3.67
C TRP B 105 -2.28 -10.20 3.12
N ARG B 106 -3.03 -10.55 2.06
CA ARG B 106 -3.96 -9.59 1.47
C ARG B 106 -5.16 -9.34 2.37
N ILE B 107 -5.50 -10.31 3.24
CA ILE B 107 -6.63 -10.16 4.14
C ILE B 107 -6.28 -9.21 5.27
N HIS B 108 -5.12 -9.43 5.91
CA HIS B 108 -4.70 -8.60 7.02
C HIS B 108 -4.57 -7.13 6.59
N GLN B 109 -4.12 -6.90 5.36
CA GLN B 109 -3.98 -5.52 4.87
C GLN B 109 -5.28 -4.75 5.03
N LYS B 110 -6.43 -5.43 4.89
CA LYS B 110 -7.75 -4.79 4.92
C LYS B 110 -8.43 -4.84 6.28
N ALA B 111 -7.76 -5.32 7.35
CA ALA B 111 -8.39 -5.28 8.67
C ALA B 111 -8.72 -3.83 9.05
N PRO B 112 -9.87 -3.56 9.68
CA PRO B 112 -10.30 -2.16 9.84
C PRO B 112 -9.46 -1.43 10.87
N ALA B 113 -9.23 -0.13 10.63
CA ALA B 113 -8.59 0.74 11.62
C ALA B 113 -9.57 1.10 12.76
N LYS B 114 -9.00 1.53 13.90
CA LYS B 114 -9.84 2.02 14.99
CA LYS B 114 -9.82 2.04 15.00
C LYS B 114 -10.84 3.05 14.49
N GLY B 115 -12.08 2.93 14.96
CA GLY B 115 -13.15 3.83 14.58
C GLY B 115 -13.96 3.38 13.37
N TYR B 116 -13.52 2.34 12.65
CA TYR B 116 -14.13 1.96 11.38
C TYR B 116 -14.87 0.63 11.44
N VAL B 117 -15.82 0.49 10.52
CA VAL B 117 -16.45 -0.78 10.19
C VAL B 117 -15.76 -1.34 8.95
N GLY B 118 -15.31 -2.58 9.02
CA GLY B 118 -14.78 -3.29 7.87
C GLY B 118 -15.80 -4.33 7.41
N VAL B 119 -15.91 -4.50 6.10
CA VAL B 119 -16.78 -5.52 5.52
C VAL B 119 -15.99 -6.29 4.49
N PHE B 120 -15.89 -7.58 4.67
CA PHE B 120 -15.24 -8.49 3.72
C PHE B 120 -16.37 -9.20 2.97
N ASN B 121 -16.60 -8.82 1.71
CA ASN B 121 -17.53 -9.58 0.87
C ASN B 121 -16.67 -10.67 0.25
N ARG B 122 -16.79 -11.89 0.78
CA ARG B 122 -15.77 -12.96 0.69
C ARG B 122 -14.55 -12.58 1.52
N SER B 123 -13.66 -13.52 1.81
CA SER B 123 -12.75 -13.30 2.95
C SER B 123 -11.67 -14.38 2.93
N GLN B 124 -10.92 -14.47 4.04
CA GLN B 124 -9.96 -15.55 4.25
C GLN B 124 -10.59 -16.94 4.05
N TYR B 125 -11.92 -17.10 4.22
CA TYR B 125 -12.51 -18.43 4.12
C TYR B 125 -12.52 -18.96 2.69
N GLU B 126 -12.44 -18.09 1.68
CA GLU B 126 -12.32 -18.58 0.31
C GLU B 126 -11.13 -19.53 0.17
N ASP B 127 -10.06 -19.28 0.92
CA ASP B 127 -8.88 -20.15 0.83
C ASP B 127 -9.08 -21.54 1.44
N VAL B 128 -10.23 -21.82 2.05
CA VAL B 128 -10.58 -23.18 2.46
C VAL B 128 -11.95 -23.56 1.92
N LEU B 129 -12.40 -22.92 0.84
CA LEU B 129 -13.70 -23.31 0.28
C LEU B 129 -13.52 -23.82 -1.14
N VAL B 130 -13.57 -22.91 -2.13
CA VAL B 130 -13.41 -23.33 -3.52
C VAL B 130 -12.11 -24.10 -3.73
N THR B 131 -11.05 -23.72 -2.99
CA THR B 131 -9.75 -24.37 -3.14
C THR B 131 -9.81 -25.83 -2.74
N ARG B 132 -10.70 -26.18 -1.81
CA ARG B 132 -10.83 -27.59 -1.43
C ARG B 132 -11.68 -28.36 -2.42
N VAL B 133 -12.79 -27.74 -2.86
CA VAL B 133 -13.71 -28.45 -3.74
C VAL B 133 -13.02 -28.86 -5.02
N TYR B 134 -12.18 -28.00 -5.57
CA TYR B 134 -11.52 -28.27 -6.84
C TYR B 134 -10.09 -28.72 -6.65
N ASP B 135 -9.74 -29.18 -5.43
CA ASP B 135 -8.47 -29.86 -5.16
C ASP B 135 -7.25 -28.99 -5.45
N MET B 136 -7.38 -27.67 -5.28
CA MET B 136 -6.21 -26.82 -5.30
C MET B 136 -5.36 -27.00 -4.04
N ILE B 137 -5.99 -27.38 -2.93
CA ILE B 137 -5.28 -27.75 -1.72
C ILE B 137 -5.85 -29.08 -1.23
N ASP B 138 -5.07 -29.79 -0.40
CA ASP B 138 -5.58 -31.02 0.20
C ASP B 138 -6.06 -30.77 1.63
N ASP B 139 -6.56 -31.84 2.26
CA ASP B 139 -7.14 -31.74 3.60
C ASP B 139 -6.12 -31.27 4.64
N LYS B 140 -4.89 -31.78 4.58
CA LYS B 140 -3.85 -31.35 5.54
C LYS B 140 -3.64 -29.84 5.48
N THR B 141 -3.50 -29.30 4.27
CA THR B 141 -3.34 -27.86 4.12
C THR B 141 -4.57 -27.11 4.60
N ALA B 142 -5.76 -27.63 4.29
CA ALA B 142 -6.99 -26.96 4.69
C ALA B 142 -7.12 -26.90 6.21
N LYS B 143 -6.80 -27.99 6.91
CA LYS B 143 -6.82 -27.98 8.36
C LYS B 143 -5.83 -26.98 8.93
N ARG B 144 -4.65 -26.91 8.35
CA ARG B 144 -3.68 -25.93 8.84
C ARG B 144 -4.16 -24.50 8.58
N ARG B 145 -4.73 -24.25 7.40
CA ARG B 145 -5.25 -22.90 7.12
C ARG B 145 -6.36 -22.50 8.08
N LEU B 146 -7.25 -23.44 8.44
CA LEU B 146 -8.31 -23.12 9.38
C LEU B 146 -7.71 -22.71 10.73
N GLU B 147 -6.64 -23.40 11.14
CA GLU B 147 -5.94 -23.01 12.36
C GLU B 147 -5.35 -21.61 12.26
N HIS B 148 -4.68 -21.31 11.14
CA HIS B 148 -4.15 -19.96 10.95
C HIS B 148 -5.27 -18.93 10.96
N ILE B 149 -6.44 -19.28 10.40
CA ILE B 149 -7.56 -18.34 10.40
C ILE B 149 -8.03 -18.06 11.82
N ARG B 150 -8.17 -19.10 12.64
CA ARG B 150 -8.53 -18.91 14.05
C ARG B 150 -7.56 -17.98 14.78
N HIS B 151 -6.25 -18.23 14.63
CA HIS B 151 -5.22 -17.35 15.22
C HIS B 151 -5.35 -15.89 14.73
N PHE B 152 -5.58 -15.69 13.44
CA PHE B 152 -5.75 -14.35 12.89
C PHE B 152 -6.94 -13.64 13.51
N GLU B 153 -8.04 -14.37 13.69
CA GLU B 153 -9.23 -13.76 14.30
C GLU B 153 -8.99 -13.46 15.77
N GLU B 154 -8.21 -14.31 16.47
CA GLU B 154 -7.86 -14.02 17.86
C GLU B 154 -6.99 -12.77 17.96
N LEU B 155 -6.06 -12.58 17.00
CA LEU B 155 -5.23 -11.36 16.95
C LEU B 155 -6.11 -10.12 16.83
N LEU B 156 -7.07 -10.13 15.90
CA LEU B 156 -7.92 -8.96 15.71
C LEU B 156 -8.81 -8.74 16.92
N THR B 157 -9.37 -9.83 17.48
CA THR B 157 -10.21 -9.69 18.67
C THR B 157 -9.47 -8.98 19.79
N ASP B 158 -8.21 -9.36 20.02
CA ASP B 158 -7.43 -8.73 21.09
C ASP B 158 -7.08 -7.28 20.78
N ASN B 159 -7.22 -6.85 19.53
CA ASN B 159 -7.06 -5.48 19.08
C ASN B 159 -8.37 -4.68 19.19
N ALA B 160 -9.37 -5.23 19.86
CA ALA B 160 -10.71 -4.61 19.96
C ALA B 160 -11.39 -4.49 18.59
N THR B 161 -11.04 -5.36 17.64
CA THR B 161 -11.83 -5.55 16.43
C THR B 161 -12.86 -6.64 16.71
N ARG B 162 -14.12 -6.24 16.78
CA ARG B 162 -15.23 -7.15 16.99
C ARG B 162 -15.58 -7.87 15.69
N ILE B 163 -15.52 -9.21 15.69
CA ILE B 163 -15.66 -10.00 14.48
C ILE B 163 -17.04 -10.64 14.43
N VAL B 164 -17.75 -10.48 13.30
CA VAL B 164 -19.01 -11.16 13.06
C VAL B 164 -18.91 -11.83 11.71
N LYS B 165 -19.12 -13.15 11.67
CA LYS B 165 -19.11 -13.91 10.41
C LYS B 165 -20.51 -14.39 10.06
N VAL B 166 -20.92 -14.18 8.82
CA VAL B 166 -22.30 -14.44 8.40
C VAL B 166 -22.28 -15.31 7.16
N TYR B 167 -22.90 -16.49 7.24
CA TYR B 167 -23.14 -17.33 6.08
C TYR B 167 -24.61 -17.15 5.68
N LEU B 168 -24.86 -16.70 4.44
CA LEU B 168 -26.21 -16.53 3.93
C LEU B 168 -26.69 -17.87 3.34
N HIS B 169 -27.73 -18.44 3.93
CA HIS B 169 -28.14 -19.82 3.70
C HIS B 169 -29.39 -19.82 2.79
N ILE B 170 -29.22 -20.25 1.52
CA ILE B 170 -30.36 -20.32 0.61
C ILE B 170 -30.51 -21.74 0.10
N SER B 171 -31.73 -22.08 -0.29
CA SER B 171 -32.00 -23.41 -0.83
C SER B 171 -31.51 -23.51 -2.27
N PRO B 172 -31.22 -24.74 -2.75
CA PRO B 172 -30.88 -24.89 -4.18
C PRO B 172 -31.97 -24.39 -5.11
N GLU B 173 -33.25 -24.61 -4.78
CA GLU B 173 -34.30 -24.12 -5.68
C GLU B 173 -34.31 -22.60 -5.74
N GLU B 174 -34.11 -21.94 -4.60
CA GLU B 174 -34.06 -20.49 -4.61
C GLU B 174 -32.87 -19.99 -5.43
N GLN B 175 -31.70 -20.60 -5.27
CA GLN B 175 -30.56 -20.16 -6.07
C GLN B 175 -30.86 -20.33 -7.55
N LYS B 176 -31.52 -21.44 -7.91
CA LYS B 176 -31.83 -21.68 -9.32
C LYS B 176 -32.71 -20.57 -9.87
N GLU B 177 -33.75 -20.19 -9.13
CA GLU B 177 -34.64 -19.11 -9.55
C GLU B 177 -33.90 -17.79 -9.72
N ARG B 178 -32.98 -17.47 -8.79
CA ARG B 178 -32.26 -16.20 -8.91
C ARG B 178 -31.29 -16.23 -10.09
N LEU B 179 -30.62 -17.37 -10.30
CA LEU B 179 -29.72 -17.48 -11.45
C LEU B 179 -30.51 -17.40 -12.75
N GLN B 180 -31.69 -18.01 -12.79
CA GLN B 180 -32.53 -17.91 -14.00
C GLN B 180 -32.93 -16.47 -14.27
N ALA B 181 -33.23 -15.71 -13.22
CA ALA B 181 -33.58 -14.31 -13.37
C ALA B 181 -32.42 -13.49 -13.93
N ARG B 182 -31.18 -13.86 -13.61
CA ARG B 182 -30.05 -13.20 -14.27
C ARG B 182 -29.99 -13.53 -15.75
N LEU B 183 -30.17 -14.80 -16.10
CA LEU B 183 -30.15 -15.19 -17.51
C LEU B 183 -31.24 -14.48 -18.29
N ASP B 184 -32.38 -14.24 -17.66
CA ASP B 184 -33.51 -13.66 -18.37
C ASP B 184 -33.36 -12.16 -18.60
N ASN B 185 -32.50 -11.49 -17.82
CA ASN B 185 -32.47 -10.04 -17.84
C ASN B 185 -31.25 -9.56 -18.62
N PRO B 186 -31.40 -8.91 -19.77
CA PRO B 186 -30.23 -8.51 -20.56
C PRO B 186 -29.23 -7.68 -19.78
N GLY B 187 -29.68 -6.88 -18.80
CA GLY B 187 -28.77 -6.12 -17.97
C GLY B 187 -28.07 -6.88 -16.87
N LYS B 188 -28.35 -8.18 -16.73
CA LYS B 188 -27.70 -9.01 -15.73
C LYS B 188 -26.93 -10.17 -16.35
N HIS B 189 -26.96 -10.32 -17.69
CA HIS B 189 -26.19 -11.37 -18.36
C HIS B 189 -24.73 -11.33 -17.96
N TRP B 190 -24.19 -10.12 -17.78
CA TRP B 190 -22.78 -9.96 -17.46
C TRP B 190 -22.41 -10.60 -16.13
N LYS B 191 -23.39 -10.97 -15.30
CA LYS B 191 -23.12 -11.59 -14.01
C LYS B 191 -23.30 -13.08 -13.98
N PHE B 192 -23.67 -13.71 -15.10
CA PHE B 192 -23.77 -15.17 -15.16
C PHE B 192 -22.54 -15.72 -15.84
N ASN B 193 -21.86 -16.68 -15.20
CA ASN B 193 -20.63 -17.28 -15.70
C ASN B 193 -20.67 -18.80 -15.56
N PRO B 194 -19.92 -19.53 -16.40
CA PRO B 194 -19.96 -21.01 -16.36
C PRO B 194 -19.68 -21.64 -15.00
N GLY B 195 -18.87 -21.02 -14.16
CA GLY B 195 -18.63 -21.58 -12.84
C GLY B 195 -19.90 -21.73 -12.03
N ASP B 196 -20.91 -20.91 -12.30
CA ASP B 196 -22.18 -21.03 -11.60
C ASP B 196 -22.74 -22.44 -11.72
N LEU B 197 -22.66 -23.02 -12.90
CA LEU B 197 -23.26 -24.34 -13.03
C LEU B 197 -22.37 -25.40 -12.39
N LYS B 198 -21.05 -25.30 -12.58
CA LYS B 198 -20.13 -26.28 -12.00
C LYS B 198 -20.26 -26.36 -10.48
N ASP B 199 -20.37 -25.22 -9.81
CA ASP B 199 -20.50 -25.22 -8.35
C ASP B 199 -21.80 -25.86 -7.92
N ARG B 200 -22.87 -25.73 -8.71
CA ARG B 200 -24.13 -26.39 -8.38
C ARG B 200 -24.00 -27.90 -8.43
N SER B 201 -23.30 -28.44 -9.43
N SER B 201 -23.27 -28.44 -9.41
CA SER B 201 -23.05 -29.88 -9.46
CA SER B 201 -23.05 -29.89 -9.48
C SER B 201 -22.35 -30.33 -8.19
C SER B 201 -22.11 -30.39 -8.37
N ASN B 202 -21.52 -29.47 -7.61
CA ASN B 202 -20.76 -29.77 -6.40
C ASN B 202 -21.44 -29.24 -5.14
N TRP B 203 -22.78 -29.14 -5.15
CA TRP B 203 -23.51 -28.53 -4.03
C TRP B 203 -23.15 -29.21 -2.70
N ASP B 204 -23.15 -30.54 -2.68
CA ASP B 204 -22.94 -31.26 -1.43
C ASP B 204 -21.49 -31.13 -0.96
N LYS B 205 -20.54 -31.10 -1.90
CA LYS B 205 -19.15 -30.86 -1.53
C LYS B 205 -18.99 -29.48 -0.88
N PHE B 206 -19.70 -28.48 -1.40
CA PHE B 206 -19.64 -27.15 -0.81
C PHE B 206 -20.26 -27.15 0.57
N ASN B 207 -21.35 -27.90 0.77
CA ASN B 207 -21.90 -28.03 2.12
C ASN B 207 -20.82 -28.50 3.08
N ASP B 208 -20.06 -29.53 2.67
CA ASP B 208 -19.06 -30.13 3.55
C ASP B 208 -18.01 -29.10 3.94
N VAL B 209 -17.50 -28.36 2.96
CA VAL B 209 -16.42 -27.44 3.30
C VAL B 209 -16.96 -26.20 3.99
N TYR B 210 -18.20 -25.78 3.70
CA TYR B 210 -18.75 -24.70 4.52
C TYR B 210 -18.93 -25.18 5.95
N GLU B 211 -19.39 -26.41 6.15
CA GLU B 211 -19.55 -26.89 7.52
C GLU B 211 -18.20 -26.97 8.23
N ASP B 212 -17.13 -27.33 7.52
CA ASP B 212 -15.80 -27.22 8.14
C ASP B 212 -15.46 -25.78 8.47
N ALA B 213 -15.76 -24.84 7.57
CA ALA B 213 -15.41 -23.45 7.83
C ALA B 213 -16.15 -22.92 9.06
N LEU B 214 -17.42 -23.34 9.25
CA LEU B 214 -18.21 -22.91 10.39
C LEU B 214 -17.65 -23.39 11.73
N THR B 215 -16.76 -24.40 11.74
CA THR B 215 -16.19 -24.81 13.02
C THR B 215 -15.29 -23.74 13.64
N THR B 216 -14.98 -22.65 12.94
CA THR B 216 -14.23 -21.59 13.63
C THR B 216 -15.13 -20.69 14.46
N SER B 217 -16.42 -20.96 14.51
CA SER B 217 -17.32 -20.16 15.34
C SER B 217 -16.91 -20.29 16.81
N THR B 218 -16.58 -19.15 17.43
CA THR B 218 -16.26 -19.10 18.85
C THR B 218 -17.14 -18.02 19.48
N ASP B 219 -17.10 -17.91 20.82
CA ASP B 219 -17.86 -16.84 21.45
C ASP B 219 -17.38 -15.47 21.00
N ASP B 220 -16.06 -15.31 20.86
CA ASP B 220 -15.51 -14.02 20.46
C ASP B 220 -15.69 -13.75 18.97
N ALA B 221 -15.68 -14.80 18.14
CA ALA B 221 -15.75 -14.66 16.68
C ALA B 221 -16.82 -15.63 16.16
N PRO B 222 -18.09 -15.30 16.35
CA PRO B 222 -19.17 -16.24 16.00
C PRO B 222 -19.47 -16.24 14.50
N TRP B 223 -19.86 -17.41 14.00
CA TRP B 223 -20.58 -17.56 12.75
C TRP B 223 -22.08 -17.49 13.02
N TYR B 224 -22.81 -16.83 12.11
CA TYR B 224 -24.27 -16.94 12.04
C TYR B 224 -24.70 -17.56 10.72
N VAL B 225 -25.70 -18.44 10.78
CA VAL B 225 -26.27 -19.06 9.61
C VAL B 225 -27.63 -18.38 9.37
N VAL B 226 -27.69 -17.45 8.42
CA VAL B 226 -28.85 -16.58 8.26
C VAL B 226 -29.75 -17.16 7.17
N PRO B 227 -31.02 -17.50 7.47
CA PRO B 227 -31.94 -17.93 6.41
C PRO B 227 -32.16 -16.79 5.42
N ALA B 228 -31.76 -17.01 4.17
CA ALA B 228 -31.71 -15.89 3.22
C ALA B 228 -32.59 -16.07 1.99
N ASP B 229 -33.48 -17.08 1.95
CA ASP B 229 -34.39 -17.20 0.80
C ASP B 229 -35.26 -15.96 0.63
N ARG B 230 -35.64 -15.33 1.73
CA ARG B 230 -36.41 -14.08 1.70
C ARG B 230 -35.41 -12.95 1.91
N LYS B 231 -35.19 -12.15 0.86
CA LYS B 231 -34.12 -11.13 0.95
C LYS B 231 -34.43 -10.13 2.07
N TRP B 232 -35.70 -9.79 2.27
CA TRP B 232 -36.03 -8.86 3.34
C TRP B 232 -35.71 -9.45 4.71
N TYR B 233 -35.85 -10.77 4.86
CA TYR B 233 -35.56 -11.37 6.15
C TYR B 233 -34.06 -11.41 6.41
N ARG B 234 -33.27 -11.74 5.38
CA ARG B 234 -31.81 -11.61 5.44
C ARG B 234 -31.39 -10.25 5.97
N ASP B 235 -31.94 -9.18 5.39
CA ASP B 235 -31.58 -7.82 5.79
C ASP B 235 -31.99 -7.54 7.24
N LEU B 236 -33.18 -8.00 7.63
CA LEU B 236 -33.62 -7.81 9.01
C LEU B 236 -32.71 -8.50 10.01
N VAL B 237 -32.41 -9.78 9.74
CA VAL B 237 -31.57 -10.55 10.66
C VAL B 237 -30.18 -9.96 10.75
N LEU B 238 -29.58 -9.60 9.59
CA LEU B 238 -28.24 -9.01 9.62
C LEU B 238 -28.22 -7.69 10.37
N SER B 239 -29.28 -6.88 10.20
CA SER B 239 -29.37 -5.62 10.94
C SER B 239 -29.36 -5.89 12.43
N HIS B 240 -30.15 -6.86 12.90
CA HIS B 240 -30.13 -7.19 14.33
C HIS B 240 -28.75 -7.63 14.77
N ILE B 241 -28.08 -8.47 13.99
CA ILE B 241 -26.78 -9.00 14.37
C ILE B 241 -25.78 -7.85 14.55
N LEU B 242 -25.73 -6.94 13.59
CA LEU B 242 -24.77 -5.83 13.65
C LEU B 242 -25.12 -4.86 14.77
N LEU B 243 -26.41 -4.60 14.97
CA LEU B 243 -26.81 -3.67 16.03
C LEU B 243 -26.48 -4.24 17.42
N GLY B 244 -26.74 -5.54 17.61
CA GLY B 244 -26.36 -6.19 18.86
C GLY B 244 -24.87 -6.09 19.14
N ALA B 245 -24.05 -6.22 18.09
CA ALA B 245 -22.60 -6.12 18.26
C ALA B 245 -22.21 -4.70 18.69
N LEU B 246 -22.73 -3.70 17.99
CA LEU B 246 -22.40 -2.31 18.30
C LEU B 246 -22.87 -1.91 19.69
N LYS B 247 -24.09 -2.29 20.08
CA LYS B 247 -24.57 -1.97 21.42
C LYS B 247 -23.69 -2.61 22.48
N ASP B 248 -23.24 -3.84 22.24
CA ASP B 248 -22.36 -4.52 23.17
C ASP B 248 -20.99 -3.85 23.21
N MET B 249 -20.49 -3.41 22.06
CA MET B 249 -19.24 -2.65 22.03
C MET B 249 -19.36 -1.35 22.80
N ASN B 250 -20.56 -0.75 22.78
CA ASN B 250 -20.90 0.42 23.57
C ASN B 250 -19.94 1.61 23.43
N PRO B 251 -19.61 2.02 22.20
CA PRO B 251 -18.71 3.18 22.05
C PRO B 251 -19.32 4.44 22.64
N GLN B 252 -18.45 5.29 23.21
CA GLN B 252 -18.83 6.55 23.85
C GLN B 252 -18.23 7.74 23.11
N PHE B 253 -19.01 8.81 22.98
CA PHE B 253 -18.48 10.06 22.47
C PHE B 253 -17.33 10.52 23.37
N PRO B 254 -16.27 11.09 22.82
CA PRO B 254 -15.16 11.52 23.69
C PRO B 254 -15.59 12.70 24.56
N ALA B 255 -14.87 12.85 25.67
CA ALA B 255 -15.09 13.99 26.54
C ALA B 255 -14.76 15.27 25.81
N ILE B 256 -15.50 16.34 26.09
CA ILE B 256 -15.14 17.62 25.48
C ILE B 256 -14.65 18.58 26.57
N ASP B 257 -13.84 19.56 26.17
CA ASP B 257 -13.23 20.47 27.13
C ASP B 257 -13.83 21.87 27.06
N TYR B 258 -15.14 21.95 26.88
CA TYR B 258 -15.78 23.26 26.86
C TYR B 258 -17.27 23.04 27.08
N ASP B 259 -17.99 24.13 27.37
CA ASP B 259 -19.43 24.03 27.53
C ASP B 259 -20.10 24.46 26.24
N PRO B 260 -20.69 23.54 25.48
CA PRO B 260 -21.29 23.88 24.17
C PRO B 260 -22.31 25.00 24.24
N SER B 261 -23.06 25.09 25.33
CA SER B 261 -24.08 26.11 25.44
C SER B 261 -23.52 27.50 25.62
N LYS B 262 -22.23 27.61 25.92
CA LYS B 262 -21.58 28.90 26.15
C LYS B 262 -20.75 29.37 24.97
N VAL B 263 -20.62 28.56 23.93
CA VAL B 263 -19.86 28.96 22.76
C VAL B 263 -20.67 30.00 22.00
N VAL B 264 -20.02 31.12 21.69
CA VAL B 264 -20.63 32.21 20.94
C VAL B 264 -20.04 32.19 19.53
N ILE B 265 -20.88 31.98 18.54
CA ILE B 265 -20.47 32.04 17.13
C ILE B 265 -20.74 33.44 16.60
N HIS B 266 -19.69 34.10 16.13
CA HIS B 266 -19.89 35.35 15.40
C HIS B 266 -20.01 35.03 13.90
N MET C 1 32.42 -24.23 11.49
CA MET C 1 32.17 -24.00 12.92
C MET C 1 30.79 -24.51 13.34
N ASP C 2 30.52 -24.61 14.64
CA ASP C 2 29.24 -25.15 15.08
C ASP C 2 28.36 -23.98 15.53
N ILE C 3 27.64 -23.42 14.56
CA ILE C 3 26.74 -22.34 14.89
C ILE C 3 25.53 -22.82 15.68
N ASP C 4 25.26 -24.14 15.70
CA ASP C 4 24.09 -24.61 16.45
C ASP C 4 24.26 -24.38 17.95
N ASN C 5 25.50 -24.20 18.41
CA ASN C 5 25.70 -23.80 19.79
C ASN C 5 25.11 -22.45 20.11
N TYR C 6 24.92 -21.58 19.11
CA TYR C 6 24.30 -20.27 19.30
C TYR C 6 22.78 -20.32 19.16
N ARG C 7 22.20 -21.45 18.76
CA ARG C 7 20.75 -21.52 18.65
C ARG C 7 20.11 -21.72 20.03
N VAL C 8 19.06 -20.94 20.31
CA VAL C 8 18.25 -21.10 21.52
C VAL C 8 17.35 -22.32 21.32
N LYS C 9 17.57 -23.36 22.12
CA LYS C 9 16.81 -24.60 21.99
C LYS C 9 15.39 -24.41 22.52
N PRO C 10 14.38 -25.03 21.89
CA PRO C 10 12.99 -24.81 22.30
C PRO C 10 12.76 -25.14 23.75
N GLY C 11 12.07 -24.24 24.46
CA GLY C 11 11.72 -24.53 25.84
C GLY C 11 12.82 -24.31 26.86
N LYS C 12 14.03 -23.92 26.44
CA LYS C 12 15.14 -23.69 27.35
C LYS C 12 15.29 -22.18 27.54
N ARG C 13 14.89 -21.70 28.72
CA ARG C 13 14.98 -20.26 28.97
C ARG C 13 16.43 -19.80 28.97
N VAL C 14 16.67 -18.63 28.35
CA VAL C 14 18.01 -18.09 28.20
C VAL C 14 18.37 -17.27 29.43
N LYS C 15 19.56 -17.52 29.97
CA LYS C 15 20.18 -16.59 30.93
C LYS C 15 21.34 -15.95 30.16
N LEU C 16 21.12 -14.73 29.66
CA LEU C 16 22.08 -14.12 28.75
C LEU C 16 23.46 -13.99 29.38
N SER C 17 23.52 -13.83 30.71
CA SER C 17 24.81 -13.68 31.36
C SER C 17 25.69 -14.92 31.21
N ASP C 18 25.11 -16.06 30.82
CA ASP C 18 25.91 -17.27 30.61
C ASP C 18 26.33 -17.46 29.16
N TRP C 19 25.98 -16.54 28.27
CA TRP C 19 26.30 -16.64 26.84
C TRP C 19 27.44 -15.69 26.49
N ALA C 20 28.43 -16.19 25.77
CA ALA C 20 29.61 -15.38 25.51
C ALA C 20 29.28 -14.18 24.62
N THR C 21 29.90 -13.03 24.89
CA THR C 21 29.75 -11.92 23.94
C THR C 21 30.97 -11.75 23.02
N ASN C 22 32.08 -12.43 23.29
CA ASN C 22 33.35 -12.07 22.66
C ASN C 22 34.05 -13.29 22.06
N ASP C 23 33.30 -14.28 21.59
CA ASP C 23 33.91 -15.44 20.95
C ASP C 23 34.69 -15.06 19.70
N ASP C 24 35.70 -15.87 19.41
CA ASP C 24 36.37 -15.75 18.12
C ASP C 24 36.61 -17.09 17.45
N ALA C 25 36.13 -18.19 18.06
CA ALA C 25 36.28 -19.54 17.53
C ALA C 25 37.75 -19.87 17.25
N GLY C 26 38.64 -19.22 17.99
CA GLY C 26 40.06 -19.50 17.82
C GLY C 26 40.68 -18.92 16.58
N LEU C 27 39.96 -18.04 15.87
CA LEU C 27 40.41 -17.44 14.62
C LEU C 27 40.97 -16.04 14.86
N SER C 28 41.93 -15.66 14.03
CA SER C 28 42.34 -14.27 13.97
C SER C 28 41.33 -13.48 13.16
N LYS C 29 41.35 -12.16 13.36
CA LYS C 29 40.47 -11.29 12.57
C LYS C 29 40.75 -11.47 11.08
N GLU C 30 42.03 -11.59 10.71
CA GLU C 30 42.34 -11.75 9.30
C GLU C 30 41.71 -13.02 8.73
N GLU C 31 41.85 -14.14 9.46
CA GLU C 31 41.29 -15.41 9.02
C GLU C 31 39.77 -15.36 8.94
N GLY C 32 39.12 -14.76 9.96
CA GLY C 32 37.67 -14.68 9.95
C GLY C 32 37.16 -13.85 8.79
N GLN C 33 37.82 -12.71 8.54
CA GLN C 33 37.45 -11.85 7.44
C GLN C 33 37.62 -12.55 6.09
N ALA C 34 38.68 -13.36 5.96
CA ALA C 34 38.85 -14.10 4.71
C ALA C 34 37.73 -15.11 4.51
N GLN C 35 37.33 -15.82 5.59
CA GLN C 35 36.22 -16.76 5.47
C GLN C 35 34.91 -16.03 5.15
N THR C 36 34.70 -14.86 5.74
CA THR C 36 33.49 -14.10 5.43
C THR C 36 33.44 -13.69 3.96
N ALA C 37 34.59 -13.28 3.40
CA ALA C 37 34.64 -12.91 1.99
C ALA C 37 34.31 -14.10 1.09
N LYS C 38 34.80 -15.29 1.46
CA LYS C 38 34.50 -16.49 0.71
C LYS C 38 33.02 -16.88 0.83
N LEU C 39 32.45 -16.74 2.03
CA LEU C 39 31.02 -17.01 2.16
C LEU C 39 30.18 -16.03 1.37
N ALA C 40 30.66 -14.79 1.16
CA ALA C 40 29.86 -13.81 0.43
C ALA C 40 29.53 -14.28 -0.99
N GLY C 41 30.50 -14.93 -1.65
CA GLY C 41 30.25 -15.47 -2.98
C GLY C 41 29.19 -16.56 -2.97
N GLU C 42 29.21 -17.42 -1.95
CA GLU C 42 28.21 -18.48 -1.88
C GLU C 42 26.84 -17.94 -1.54
N LEU C 43 26.78 -16.95 -0.65
CA LEU C 43 25.50 -16.31 -0.37
C LEU C 43 24.90 -15.72 -1.64
N ALA C 44 25.72 -15.08 -2.49
CA ALA C 44 25.19 -14.50 -3.73
C ALA C 44 24.67 -15.59 -4.66
N GLU C 45 25.41 -16.69 -4.77
CA GLU C 45 25.00 -17.78 -5.67
C GLU C 45 23.69 -18.41 -5.20
N TRP C 46 23.54 -18.67 -3.90
CA TRP C 46 22.33 -19.31 -3.41
C TRP C 46 21.14 -18.36 -3.44
N GLN C 47 21.36 -17.05 -3.21
CA GLN C 47 20.26 -16.11 -3.29
C GLN C 47 19.75 -15.95 -4.72
N GLU C 48 20.67 -15.94 -5.70
CA GLU C 48 20.26 -15.93 -7.10
C GLU C 48 19.37 -17.13 -7.42
N ARG C 49 19.72 -18.31 -6.89
CA ARG C 49 18.89 -19.50 -7.10
C ARG C 49 17.53 -19.35 -6.43
N LEU C 50 17.52 -18.80 -5.22
CA LEU C 50 16.27 -18.53 -4.53
C LEU C 50 15.36 -17.66 -5.38
N TYR C 51 15.92 -16.58 -5.94
CA TYR C 51 15.13 -15.67 -6.75
C TYR C 51 14.67 -16.35 -8.04
N ALA C 52 15.60 -17.03 -8.73
CA ALA C 52 15.24 -17.66 -10.01
C ALA C 52 14.16 -18.73 -9.81
N GLU C 53 14.21 -19.44 -8.68
CA GLU C 53 13.24 -20.50 -8.42
C GLU C 53 11.84 -19.95 -8.17
N GLY C 54 11.75 -18.87 -7.41
CA GLY C 54 10.49 -18.19 -7.16
C GLY C 54 9.45 -18.97 -6.37
N LYS C 55 9.87 -19.80 -5.42
CA LYS C 55 8.96 -20.65 -4.65
C LYS C 55 9.01 -20.44 -3.15
N GLN C 56 10.11 -19.90 -2.64
CA GLN C 56 10.38 -19.80 -1.21
C GLN C 56 10.91 -18.41 -0.90
N SER C 57 10.98 -18.09 0.39
CA SER C 57 11.57 -16.82 0.82
C SER C 57 12.34 -17.04 2.10
N LEU C 58 13.19 -16.08 2.44
CA LEU C 58 14.00 -16.14 3.65
C LEU C 58 13.72 -14.86 4.41
N LEU C 59 13.45 -14.96 5.72
CA LEU C 59 13.21 -13.76 6.53
C LEU C 59 14.22 -13.73 7.67
N LEU C 60 15.12 -12.73 7.66
CA LEU C 60 16.03 -12.53 8.78
C LEU C 60 15.47 -11.43 9.67
N ILE C 61 15.37 -11.70 10.97
CA ILE C 61 14.92 -10.73 11.95
C ILE C 61 16.14 -10.39 12.81
N LEU C 62 16.46 -9.10 12.93
CA LEU C 62 17.56 -8.63 13.78
C LEU C 62 16.97 -7.82 14.92
N GLN C 63 17.26 -8.23 16.16
CA GLN C 63 16.94 -7.44 17.34
C GLN C 63 18.19 -7.38 18.19
N ALA C 64 18.45 -6.21 18.74
CA ALA C 64 19.67 -6.01 19.52
C ALA C 64 19.60 -4.61 20.08
N ARG C 65 20.30 -4.39 21.19
CA ARG C 65 20.45 -3.06 21.76
C ARG C 65 21.15 -2.13 20.80
N ASP C 66 21.04 -0.83 21.07
CA ASP C 66 21.71 0.16 20.26
C ASP C 66 23.21 -0.06 20.29
N ALA C 67 23.85 0.11 19.11
CA ALA C 67 25.29 -0.03 18.84
C ALA C 67 25.74 -1.47 18.80
N ALA C 68 24.81 -2.43 18.91
CA ALA C 68 25.20 -3.82 18.92
C ALA C 68 25.54 -4.37 17.55
N GLY C 69 25.28 -3.63 16.47
CA GLY C 69 25.75 -4.01 15.15
C GLY C 69 24.67 -4.35 14.10
N LYS C 70 23.40 -3.99 14.31
CA LYS C 70 22.36 -4.31 13.34
C LYS C 70 22.66 -3.68 11.98
N ASP C 71 22.96 -2.38 11.97
CA ASP C 71 23.27 -1.67 10.74
C ASP C 71 24.50 -2.28 10.06
N GLY C 72 25.56 -2.57 10.84
CA GLY C 72 26.76 -3.16 10.25
C GLY C 72 26.52 -4.53 9.64
N ALA C 73 25.73 -5.38 10.33
CA ALA C 73 25.44 -6.71 9.80
C ALA C 73 24.67 -6.62 8.49
N VAL C 74 23.71 -5.70 8.39
CA VAL C 74 22.97 -5.55 7.14
C VAL C 74 23.91 -5.13 6.03
N LYS C 75 24.76 -4.13 6.31
CA LYS C 75 25.72 -3.62 5.34
C LYS C 75 26.68 -4.71 4.86
N LYS C 76 27.28 -5.44 5.81
CA LYS C 76 28.35 -6.36 5.44
C LYS C 76 27.79 -7.67 4.90
N VAL C 77 26.82 -8.25 5.58
CA VAL C 77 26.36 -9.60 5.22
C VAL C 77 25.22 -9.53 4.22
N ILE C 78 24.16 -8.78 4.48
CA ILE C 78 23.10 -8.66 3.50
C ILE C 78 23.61 -7.99 2.21
N GLY C 79 24.68 -7.18 2.30
CA GLY C 79 25.34 -6.61 1.14
C GLY C 79 25.94 -7.64 0.20
N ALA C 80 26.10 -8.89 0.63
CA ALA C 80 26.57 -9.94 -0.27
C ALA C 80 25.51 -10.34 -1.30
N PHE C 81 24.24 -10.16 -0.96
CA PHE C 81 23.14 -10.49 -1.85
C PHE C 81 22.99 -9.44 -2.94
N ASN C 82 22.35 -9.84 -4.04
CA ASN C 82 21.96 -8.88 -5.05
C ASN C 82 20.84 -8.03 -4.48
N PRO C 83 20.99 -6.71 -4.40
CA PRO C 83 19.93 -5.92 -3.74
C PRO C 83 18.59 -5.99 -4.45
N ALA C 84 18.58 -6.39 -5.72
CA ALA C 84 17.30 -6.58 -6.40
C ALA C 84 16.50 -7.71 -5.79
N GLY C 85 17.12 -8.59 -5.01
CA GLY C 85 16.41 -9.72 -4.44
C GLY C 85 16.19 -9.60 -2.94
N VAL C 86 16.36 -8.39 -2.41
CA VAL C 86 16.38 -8.13 -0.96
C VAL C 86 15.37 -7.02 -0.68
N GLN C 87 14.62 -7.18 0.41
CA GLN C 87 13.76 -6.13 0.93
C GLN C 87 14.15 -5.91 2.39
N ILE C 88 14.69 -4.73 2.71
CA ILE C 88 15.10 -4.40 4.08
C ILE C 88 14.10 -3.40 4.64
N THR C 89 13.62 -3.66 5.84
CA THR C 89 12.74 -2.71 6.54
C THR C 89 13.37 -2.42 7.89
N SER C 90 13.58 -1.14 8.19
CA SER C 90 14.10 -0.70 9.49
C SER C 90 12.91 -0.15 10.25
N PHE C 91 12.40 -0.93 11.20
CA PHE C 91 11.14 -0.57 11.84
C PHE C 91 11.38 0.47 12.93
N LYS C 92 10.67 1.58 12.83
CA LYS C 92 10.80 2.69 13.77
C LYS C 92 9.52 2.79 14.61
N GLN C 93 9.41 3.87 15.39
CA GLN C 93 8.23 4.08 16.21
C GLN C 93 6.98 3.99 15.34
N PRO C 94 5.98 3.21 15.74
CA PRO C 94 4.74 3.15 14.95
C PRO C 94 4.16 4.53 14.71
N SER C 95 3.78 4.79 13.46
CA SER C 95 3.04 5.99 13.09
C SER C 95 1.61 5.93 13.65
N ALA C 96 0.91 7.08 13.54
CA ALA C 96 -0.49 7.10 13.97
C ALA C 96 -1.30 6.07 13.19
N GLU C 97 -1.05 5.95 11.88
CA GLU C 97 -1.83 4.96 11.12
C GLU C 97 -1.52 3.55 11.59
N GLU C 98 -0.25 3.25 11.84
CA GLU C 98 0.10 1.91 12.29
C GLU C 98 -0.49 1.62 13.66
N LEU C 99 -0.50 2.62 14.54
CA LEU C 99 -1.10 2.44 15.88
C LEU C 99 -2.60 2.25 15.82
N SER C 100 -3.26 2.66 14.74
CA SER C 100 -4.69 2.45 14.61
C SER C 100 -5.03 1.04 14.15
N HIS C 101 -4.05 0.19 13.96
CA HIS C 101 -4.22 -1.22 13.62
C HIS C 101 -3.61 -2.10 14.71
N ASP C 102 -3.86 -3.41 14.61
CA ASP C 102 -3.19 -4.36 15.48
C ASP C 102 -1.67 -4.31 15.23
N PHE C 103 -0.90 -4.72 16.24
CA PHE C 103 0.55 -4.51 16.19
C PHE C 103 1.24 -5.32 15.08
N LEU C 104 0.62 -6.39 14.57
CA LEU C 104 1.24 -7.15 13.49
C LEU C 104 0.86 -6.65 12.11
N TRP C 105 -0.04 -5.67 12.00
CA TRP C 105 -0.50 -5.18 10.69
C TRP C 105 0.67 -4.66 9.87
N ARG C 106 1.47 -3.76 10.46
CA ARG C 106 2.59 -3.18 9.72
C ARG C 106 3.72 -4.19 9.48
N ILE C 107 3.79 -5.24 10.33
CA ILE C 107 4.82 -6.27 10.19
C ILE C 107 4.49 -7.20 9.04
N HIS C 108 3.25 -7.70 9.04
CA HIS C 108 2.79 -8.63 8.01
C HIS C 108 2.89 -8.00 6.61
N GLN C 109 2.58 -6.70 6.50
N GLN C 109 2.59 -6.70 6.49
CA GLN C 109 2.74 -5.96 5.24
CA GLN C 109 2.73 -6.04 5.18
C GLN C 109 4.09 -6.23 4.58
C GLN C 109 4.10 -6.28 4.56
N LYS C 110 5.15 -6.33 5.39
CA LYS C 110 6.54 -6.43 4.90
C LYS C 110 7.09 -7.87 4.84
N ALA C 111 6.26 -8.87 5.07
CA ALA C 111 6.73 -10.24 4.90
C ALA C 111 7.18 -10.44 3.45
N PRO C 112 8.25 -11.20 3.20
CA PRO C 112 8.81 -11.24 1.83
C PRO C 112 7.98 -12.09 0.89
N ALA C 113 7.94 -11.63 -0.36
CA ALA C 113 7.31 -12.40 -1.43
C ALA C 113 8.18 -13.61 -1.79
N LYS C 114 7.59 -14.58 -2.49
CA LYS C 114 8.35 -15.71 -3.00
C LYS C 114 9.53 -15.23 -3.85
N GLY C 115 10.69 -15.84 -3.61
CA GLY C 115 11.91 -15.52 -4.33
C GLY C 115 12.79 -14.49 -3.66
N TYR C 116 12.30 -13.84 -2.60
CA TYR C 116 13.01 -12.73 -1.97
C TYR C 116 13.56 -13.09 -0.60
N VAL C 117 14.62 -12.37 -0.22
CA VAL C 117 15.10 -12.28 1.16
C VAL C 117 14.51 -11.03 1.78
N GLY C 118 13.85 -11.18 2.93
CA GLY C 118 13.38 -10.06 3.71
C GLY C 118 14.26 -9.90 4.93
N VAL C 119 14.52 -8.64 5.31
CA VAL C 119 15.32 -8.33 6.47
C VAL C 119 14.54 -7.31 7.31
N PHE C 120 14.23 -7.68 8.55
CA PHE C 120 13.60 -6.79 9.53
C PHE C 120 14.71 -6.30 10.47
N ASN C 121 15.12 -5.04 10.33
CA ASN C 121 16.04 -4.45 11.29
C ASN C 121 15.13 -3.85 12.36
N ARG C 122 15.02 -4.53 13.50
CA ARG C 122 13.90 -4.42 14.45
C ARG C 122 12.65 -5.00 13.83
N SER C 123 11.62 -5.30 14.64
CA SER C 123 10.61 -6.25 14.18
C SER C 123 9.42 -6.22 15.12
N GLN C 124 8.57 -7.23 14.96
CA GLN C 124 7.44 -7.44 15.85
C GLN C 124 7.89 -7.52 17.31
N TYR C 125 9.15 -7.90 17.58
CA TYR C 125 9.57 -8.04 18.97
C TYR C 125 9.65 -6.71 19.69
N GLU C 126 9.81 -5.59 18.98
CA GLU C 126 9.82 -4.31 19.67
C GLU C 126 8.56 -4.12 20.51
N ASP C 127 7.43 -4.67 20.03
CA ASP C 127 6.17 -4.52 20.75
C ASP C 127 6.15 -5.30 22.06
N VAL C 128 7.17 -6.10 22.37
CA VAL C 128 7.25 -6.71 23.69
C VAL C 128 8.61 -6.46 24.34
N LEU C 129 9.29 -5.39 23.91
CA LEU C 129 10.62 -5.08 24.46
C LEU C 129 10.57 -3.69 25.11
N VAL C 130 10.88 -2.63 24.37
CA VAL C 130 10.84 -1.29 24.95
C VAL C 130 9.47 -1.01 25.58
N THR C 131 8.40 -1.55 24.99
CA THR C 131 7.04 -1.33 25.50
C THR C 131 6.88 -1.89 26.90
N ARG C 132 7.60 -2.95 27.24
CA ARG C 132 7.48 -3.52 28.59
C ARG C 132 8.36 -2.78 29.57
N VAL C 133 9.59 -2.44 29.16
CA VAL C 133 10.54 -1.82 30.09
C VAL C 133 9.97 -0.53 30.65
N TYR C 134 9.32 0.27 29.79
CA TYR C 134 8.80 1.58 30.14
C TYR C 134 7.29 1.55 30.36
N ASP C 135 6.71 0.35 30.60
CA ASP C 135 5.35 0.15 31.10
C ASP C 135 4.28 0.73 30.19
N MET C 136 4.54 0.72 28.88
CA MET C 136 3.48 1.05 27.93
C MET C 136 2.47 -0.08 27.85
N ILE C 137 2.88 -1.33 28.12
CA ILE C 137 1.98 -2.47 28.25
C ILE C 137 2.36 -3.20 29.52
N ASP C 138 1.44 -4.03 30.02
CA ASP C 138 1.67 -4.85 31.20
C ASP C 138 2.00 -6.30 30.81
N ASP C 139 2.22 -7.16 31.83
CA ASP C 139 2.65 -8.54 31.57
C ASP C 139 1.59 -9.34 30.82
N LYS C 140 0.30 -9.16 31.16
CA LYS C 140 -0.77 -9.89 30.49
C LYS C 140 -0.75 -9.62 28.99
N THR C 141 -0.68 -8.35 28.61
CA THR C 141 -0.61 -7.98 27.20
C THR C 141 0.64 -8.53 26.53
N ALA C 142 1.77 -8.50 27.25
CA ALA C 142 3.02 -8.96 26.67
C ALA C 142 2.96 -10.45 26.39
N LYS C 143 2.42 -11.23 27.33
CA LYS C 143 2.30 -12.65 27.12
C LYS C 143 1.38 -12.95 25.93
N ARG C 144 0.28 -12.22 25.81
CA ARG C 144 -0.61 -12.45 24.69
C ARG C 144 0.06 -12.08 23.36
N ARG C 145 0.80 -10.97 23.33
CA ARG C 145 1.51 -10.58 22.11
C ARG C 145 2.55 -11.63 21.70
N LEU C 146 3.25 -12.23 22.69
CA LEU C 146 4.20 -13.28 22.34
C LEU C 146 3.49 -14.46 21.70
N GLU C 147 2.28 -14.79 22.19
CA GLU C 147 1.49 -15.84 21.57
C GLU C 147 1.12 -15.48 20.13
N HIS C 148 0.65 -14.25 19.89
CA HIS C 148 0.34 -13.85 18.52
C HIS C 148 1.58 -13.88 17.65
N ILE C 149 2.73 -13.51 18.21
CA ILE C 149 3.96 -13.55 17.41
C ILE C 149 4.29 -14.96 16.98
N ARG C 150 4.18 -15.93 17.90
CA ARG C 150 4.44 -17.31 17.53
C ARG C 150 3.47 -17.77 16.45
N HIS C 151 2.18 -17.42 16.57
CA HIS C 151 1.22 -17.78 15.52
C HIS C 151 1.57 -17.16 14.18
N PHE C 152 2.00 -15.90 14.18
CA PHE C 152 2.38 -15.21 12.95
C PHE C 152 3.57 -15.90 12.29
N GLU C 153 4.55 -16.30 13.09
CA GLU C 153 5.70 -16.99 12.53
C GLU C 153 5.31 -18.37 11.99
N GLU C 154 4.38 -19.07 12.68
CA GLU C 154 3.91 -20.36 12.15
C GLU C 154 3.21 -20.18 10.80
N LEU C 155 2.45 -19.10 10.64
CA LEU C 155 1.80 -18.80 9.36
C LEU C 155 2.85 -18.65 8.27
N LEU C 156 3.88 -17.85 8.53
CA LEU C 156 4.91 -17.60 7.51
C LEU C 156 5.68 -18.86 7.17
N THR C 157 6.01 -19.68 8.18
CA THR C 157 6.71 -20.94 7.95
C THR C 157 5.92 -21.85 7.00
N ASP C 158 4.61 -21.96 7.20
CA ASP C 158 3.81 -22.81 6.32
C ASP C 158 3.67 -22.23 4.91
N ASN C 159 4.01 -20.98 4.71
CA ASN C 159 4.10 -20.35 3.40
C ASN C 159 5.49 -20.51 2.76
N ALA C 160 6.35 -21.38 3.32
CA ALA C 160 7.73 -21.59 2.89
C ALA C 160 8.58 -20.34 3.05
N THR C 161 8.24 -19.46 4.01
CA THR C 161 9.15 -18.40 4.46
C THR C 161 9.97 -18.98 5.59
N ARG C 162 11.27 -19.21 5.32
CA ARG C 162 12.23 -19.65 6.33
CA ARG C 162 12.22 -19.65 6.33
C ARG C 162 12.60 -18.47 7.24
N ILE C 163 12.35 -18.62 8.53
CA ILE C 163 12.56 -17.56 9.54
C ILE C 163 13.84 -17.83 10.32
N VAL C 164 14.69 -16.82 10.40
CA VAL C 164 15.89 -16.81 11.22
C VAL C 164 15.84 -15.54 12.03
N LYS C 165 15.81 -15.68 13.36
CA LYS C 165 15.82 -14.53 14.27
C LYS C 165 17.20 -14.46 14.94
N VAL C 166 17.81 -13.27 14.96
CA VAL C 166 19.19 -13.11 15.42
C VAL C 166 19.20 -12.01 16.48
N TYR C 167 19.64 -12.36 17.70
CA TYR C 167 19.93 -11.39 18.76
C TYR C 167 21.43 -11.15 18.80
N LEU C 168 21.87 -9.89 18.59
CA LEU C 168 23.30 -9.54 18.62
C LEU C 168 23.69 -9.20 20.06
N HIS C 169 24.57 -10.03 20.65
CA HIS C 169 24.80 -10.05 22.09
C HIS C 169 26.13 -9.35 22.34
N ILE C 170 26.08 -8.14 22.91
CA ILE C 170 27.29 -7.42 23.25
C ILE C 170 27.33 -7.10 24.73
N SER C 171 28.55 -6.96 25.25
CA SER C 171 28.76 -6.63 26.64
C SER C 171 28.45 -5.15 26.90
N PRO C 172 28.09 -4.79 28.12
CA PRO C 172 27.96 -3.35 28.46
C PRO C 172 29.21 -2.54 28.21
N GLU C 173 30.39 -3.11 28.48
CA GLU C 173 31.60 -2.33 28.22
C GLU C 173 31.79 -2.08 26.72
N GLU C 174 31.50 -3.09 25.88
CA GLU C 174 31.65 -2.88 24.45
C GLU C 174 30.65 -1.85 23.95
N GLN C 175 29.43 -1.89 24.48
CA GLN C 175 28.43 -0.92 24.06
C GLN C 175 28.89 0.47 24.44
N LYS C 176 29.48 0.60 25.64
CA LYS C 176 29.96 1.89 26.10
C LYS C 176 31.04 2.43 25.15
N GLU C 177 31.98 1.59 24.74
CA GLU C 177 33.01 2.04 23.80
C GLU C 177 32.41 2.49 22.47
N ARG C 178 31.41 1.77 21.98
CA ARG C 178 30.82 2.13 20.69
C ARG C 178 30.01 3.41 20.77
N LEU C 179 29.29 3.62 21.88
CA LEU C 179 28.57 4.86 22.05
C LEU C 179 29.55 6.02 22.17
N GLN C 180 30.67 5.83 22.89
CA GLN C 180 31.68 6.87 22.99
C GLN C 180 32.23 7.22 21.62
N ALA C 181 32.39 6.20 20.76
CA ALA C 181 32.91 6.43 19.42
C ALA C 181 31.95 7.30 18.60
N ARG C 182 30.64 7.16 18.82
CA ARG C 182 29.72 8.08 18.17
C ARG C 182 29.85 9.50 18.69
N LEU C 183 29.96 9.66 20.02
CA LEU C 183 30.14 11.01 20.55
C LEU C 183 31.39 11.66 20.02
N ASP C 184 32.46 10.87 19.80
CA ASP C 184 33.74 11.45 19.41
C ASP C 184 33.74 11.85 17.94
N ASN C 185 32.83 11.29 17.14
CA ASN C 185 32.86 11.49 15.70
C ASN C 185 31.80 12.52 15.36
N PRO C 186 32.19 13.72 14.93
CA PRO C 186 31.20 14.77 14.63
C PRO C 186 30.18 14.34 13.61
N GLY C 187 30.55 13.47 12.70
CA GLY C 187 29.63 12.96 11.71
C GLY C 187 28.67 11.94 12.22
N LYS C 188 28.74 11.61 13.52
CA LYS C 188 27.82 10.63 14.10
C LYS C 188 26.97 11.22 15.20
N HIS C 189 27.14 12.50 15.53
CA HIS C 189 26.33 13.13 16.59
C HIS C 189 24.83 12.99 16.30
N TRP C 190 24.45 13.02 15.03
CA TRP C 190 23.04 12.95 14.65
C TRP C 190 22.40 11.63 15.04
N LYS C 191 23.18 10.60 15.30
CA LYS C 191 22.59 9.32 15.69
C LYS C 191 22.96 8.91 17.11
N PHE C 192 23.48 9.85 17.89
CA PHE C 192 23.61 9.65 19.31
C PHE C 192 22.52 10.45 20.02
N ASN C 193 21.83 9.80 20.94
CA ASN C 193 20.70 10.39 21.66
C ASN C 193 20.97 10.20 23.14
N PRO C 194 21.37 11.25 23.86
CA PRO C 194 21.65 11.10 25.30
C PRO C 194 20.48 10.55 26.08
N GLY C 195 19.26 10.88 25.69
CA GLY C 195 18.12 10.37 26.40
C GLY C 195 18.05 8.87 26.38
N ASP C 196 18.50 8.27 25.28
CA ASP C 196 18.52 6.81 25.20
C ASP C 196 19.45 6.14 26.21
N LEU C 197 20.46 6.87 26.78
CA LEU C 197 21.33 6.34 27.84
C LEU C 197 20.51 5.76 29.01
N LYS C 198 19.28 6.22 29.15
CA LYS C 198 18.34 5.60 30.09
C LYS C 198 18.26 4.10 29.87
N ASP C 199 18.32 3.65 28.61
CA ASP C 199 18.21 2.22 28.36
C ASP C 199 19.35 1.45 29.01
N ARG C 200 20.55 2.05 29.08
CA ARG C 200 21.67 1.43 29.81
C ARG C 200 21.39 1.32 31.30
N SER C 201 20.78 2.34 31.90
CA SER C 201 20.41 2.26 33.30
CA SER C 201 20.46 2.22 33.31
C SER C 201 19.44 1.12 33.54
N ASN C 202 18.68 0.75 32.51
CA ASN C 202 17.73 -0.34 32.57
C ASN C 202 18.27 -1.62 31.95
N TRP C 203 19.59 -1.82 31.97
CA TRP C 203 20.19 -2.96 31.27
C TRP C 203 19.57 -4.29 31.71
N ASP C 204 19.45 -4.50 33.01
CA ASP C 204 18.98 -5.81 33.46
C ASP C 204 17.52 -6.03 33.10
N LYS C 205 16.72 -4.97 33.15
CA LYS C 205 15.33 -5.07 32.73
C LYS C 205 15.22 -5.44 31.27
N PHE C 206 16.11 -4.89 30.42
CA PHE C 206 16.11 -5.29 29.01
C PHE C 206 16.54 -6.75 28.87
N ASN C 207 17.49 -7.20 29.72
CA ASN C 207 17.83 -8.63 29.74
C ASN C 207 16.59 -9.49 29.97
N ASP C 208 15.77 -9.12 30.96
CA ASP C 208 14.60 -9.93 31.29
C ASP C 208 13.66 -9.99 30.10
N VAL C 209 13.37 -8.85 29.47
CA VAL C 209 12.38 -8.91 28.38
C VAL C 209 12.99 -9.50 27.10
N TYR C 210 14.30 -9.34 26.85
CA TYR C 210 14.89 -10.09 25.75
C TYR C 210 14.82 -11.60 26.00
N GLU C 211 15.08 -12.03 27.25
CA GLU C 211 14.98 -13.46 27.56
C GLU C 211 13.55 -13.97 27.40
N ASP C 212 12.55 -13.16 27.76
CA ASP C 212 11.17 -13.55 27.44
C ASP C 212 10.97 -13.66 25.93
N ALA C 213 11.47 -12.70 25.14
CA ALA C 213 11.26 -12.74 23.70
C ALA C 213 11.92 -13.97 23.06
N LEU C 214 13.07 -14.38 23.60
N LEU C 214 13.08 -14.36 23.60
CA LEU C 214 13.76 -15.54 23.03
CA LEU C 214 13.80 -15.53 23.11
C LEU C 214 13.08 -16.85 23.39
C LEU C 214 13.02 -16.83 23.31
N THR C 215 12.04 -16.87 24.21
CA THR C 215 11.26 -18.10 24.39
C THR C 215 10.42 -18.46 23.16
N THR C 216 10.30 -17.57 22.16
CA THR C 216 9.62 -17.97 20.93
C THR C 216 10.52 -18.81 20.01
N SER C 217 11.74 -19.11 20.44
CA SER C 217 12.62 -19.93 19.61
C SER C 217 12.03 -21.32 19.45
N THR C 218 11.81 -21.75 18.19
CA THR C 218 11.33 -23.08 17.88
C THR C 218 12.26 -23.68 16.85
N ASP C 219 12.08 -24.97 16.54
CA ASP C 219 12.91 -25.54 15.49
C ASP C 219 12.64 -24.89 14.14
N ASP C 220 11.39 -24.53 13.90
CA ASP C 220 11.03 -23.91 12.63
C ASP C 220 11.40 -22.43 12.58
N ALA C 221 11.38 -21.75 13.73
CA ALA C 221 11.65 -20.31 13.80
C ALA C 221 12.64 -20.09 14.92
N PRO C 222 13.92 -20.40 14.71
CA PRO C 222 14.90 -20.35 15.79
C PRO C 222 15.39 -18.93 16.03
N TRP C 223 15.68 -18.65 17.32
CA TRP C 223 16.55 -17.53 17.67
C TRP C 223 18.00 -18.00 17.75
N TYR C 224 18.93 -17.14 17.32
CA TYR C 224 20.37 -17.28 17.57
C TYR C 224 20.88 -16.13 18.44
N VAL C 225 21.72 -16.45 19.40
CA VAL C 225 22.36 -15.45 20.26
C VAL C 225 23.80 -15.35 19.80
N VAL C 226 24.12 -14.33 19.02
CA VAL C 226 25.40 -14.25 18.32
C VAL C 226 26.35 -13.35 19.11
N PRO C 227 27.52 -13.84 19.54
CA PRO C 227 28.50 -12.97 20.22
C PRO C 227 28.97 -11.87 19.28
N ALA C 228 28.72 -10.63 19.66
CA ALA C 228 28.84 -9.52 18.71
C ALA C 228 29.87 -8.47 19.11
N ASP C 229 30.64 -8.72 20.17
CA ASP C 229 31.70 -7.77 20.55
C ASP C 229 32.73 -7.60 19.45
N ARG C 230 33.03 -8.65 18.71
CA ARG C 230 33.96 -8.57 17.59
C ARG C 230 33.10 -8.47 16.33
N LYS C 231 33.12 -7.29 15.67
CA LYS C 231 32.22 -7.10 14.53
C LYS C 231 32.51 -8.11 13.44
N TRP C 232 33.80 -8.41 13.22
CA TRP C 232 34.13 -9.38 12.18
C TRP C 232 33.56 -10.75 12.51
N TYR C 233 33.51 -11.11 13.79
CA TYR C 233 32.98 -12.42 14.18
C TYR C 233 31.46 -12.45 14.01
N ARG C 234 30.78 -11.35 14.38
CA ARG C 234 29.36 -11.20 14.09
C ARG C 234 29.06 -11.50 12.63
N ASP C 235 29.82 -10.89 11.71
CA ASP C 235 29.56 -11.06 10.28
C ASP C 235 29.85 -12.50 9.84
N LEU C 236 30.90 -13.11 10.39
CA LEU C 236 31.20 -14.51 10.06
C LEU C 236 30.05 -15.45 10.46
N VAL C 237 29.60 -15.34 11.71
CA VAL C 237 28.55 -16.22 12.22
C VAL C 237 27.26 -16.02 11.44
N LEU C 238 26.85 -14.75 11.25
CA LEU C 238 25.64 -14.47 10.50
C LEU C 238 25.75 -14.98 9.07
N SER C 239 26.92 -14.88 8.46
CA SER C 239 27.08 -15.45 7.12
C SER C 239 26.84 -16.95 7.12
N HIS C 240 27.38 -17.67 8.11
CA HIS C 240 27.12 -19.11 8.23
C HIS C 240 25.64 -19.41 8.46
N ILE C 241 24.99 -18.64 9.33
CA ILE C 241 23.58 -18.89 9.63
C ILE C 241 22.74 -18.76 8.36
N LEU C 242 22.93 -17.68 7.60
CA LEU C 242 22.13 -17.48 6.39
C LEU C 242 22.50 -18.50 5.31
N LEU C 243 23.79 -18.84 5.16
CA LEU C 243 24.15 -19.79 4.11
C LEU C 243 23.59 -21.17 4.43
N GLY C 244 23.69 -21.60 5.69
CA GLY C 244 23.11 -22.88 6.06
C GLY C 244 21.61 -22.93 5.77
N ALA C 245 20.92 -21.82 6.03
CA ALA C 245 19.48 -21.79 5.76
C ALA C 245 19.20 -21.92 4.27
N LEU C 246 19.88 -21.11 3.44
CA LEU C 246 19.64 -21.19 2.00
C LEU C 246 20.00 -22.56 1.44
N LYS C 247 21.12 -23.16 1.88
CA LYS C 247 21.48 -24.50 1.41
C LYS C 247 20.45 -25.54 1.81
N ASP C 248 19.88 -25.42 3.01
CA ASP C 248 18.85 -26.36 3.42
C ASP C 248 17.55 -26.17 2.61
N MET C 249 17.17 -24.92 2.33
CA MET C 249 16.04 -24.60 1.46
C MET C 249 16.27 -25.13 0.05
N ASN C 250 17.53 -25.17 -0.37
CA ASN C 250 17.95 -25.85 -1.58
C ASN C 250 17.18 -25.41 -2.82
N PRO C 251 17.08 -24.09 -3.07
CA PRO C 251 16.34 -23.65 -4.27
C PRO C 251 17.04 -24.12 -5.55
N GLN C 252 16.24 -24.41 -6.57
CA GLN C 252 16.74 -24.94 -7.85
C GLN C 252 16.45 -23.97 -8.97
N PHE C 253 17.40 -23.82 -9.88
CA PHE C 253 17.12 -23.11 -11.12
C PHE C 253 15.95 -23.77 -11.83
N PRO C 254 15.03 -23.01 -12.41
CA PRO C 254 13.88 -23.65 -13.06
C PRO C 254 14.31 -24.31 -14.37
N ALA C 255 13.54 -25.33 -14.77
CA ALA C 255 13.74 -25.96 -16.06
C ALA C 255 13.40 -24.97 -17.16
N ILE C 256 14.12 -25.07 -18.28
CA ILE C 256 13.92 -24.17 -19.40
C ILE C 256 13.26 -24.93 -20.54
N ASP C 257 12.64 -24.16 -21.44
CA ASP C 257 11.86 -24.69 -22.56
C ASP C 257 12.59 -24.51 -23.89
N TYR C 258 13.90 -24.71 -23.92
CA TYR C 258 14.69 -24.61 -25.14
C TYR C 258 16.05 -25.26 -24.94
N ASP C 259 16.76 -25.45 -26.06
CA ASP C 259 18.14 -25.93 -26.07
C ASP C 259 19.06 -24.74 -26.23
N PRO C 260 19.79 -24.32 -25.18
CA PRO C 260 20.63 -23.12 -25.31
C PRO C 260 21.66 -23.20 -26.43
N SER C 261 22.21 -24.39 -26.71
CA SER C 261 23.23 -24.54 -27.73
C SER C 261 22.69 -24.34 -29.14
N LYS C 262 21.37 -24.42 -29.32
CA LYS C 262 20.73 -24.31 -30.62
C LYS C 262 20.24 -22.88 -30.89
N VAL C 263 20.38 -21.97 -29.93
CA VAL C 263 19.96 -20.58 -30.09
C VAL C 263 21.00 -19.82 -30.92
N VAL C 264 20.54 -19.10 -31.92
CA VAL C 264 21.40 -18.27 -32.75
C VAL C 264 21.07 -16.81 -32.47
N ILE C 265 22.04 -16.07 -31.95
CA ILE C 265 21.91 -14.64 -31.74
C ILE C 265 22.41 -13.96 -32.99
N HIS C 266 21.52 -13.24 -33.66
CA HIS C 266 21.94 -12.37 -34.73
C HIS C 266 22.14 -10.99 -34.10
N MET D 1 38.57 13.35 -17.30
CA MET D 1 37.17 13.03 -17.55
C MET D 1 36.21 14.18 -17.23
N ASP D 2 35.39 14.49 -18.21
CA ASP D 2 34.35 15.53 -18.10
C ASP D 2 32.99 14.83 -18.22
N ILE D 3 32.36 14.51 -17.08
CA ILE D 3 31.12 13.75 -17.17
C ILE D 3 30.01 14.57 -17.82
N ASP D 4 30.15 15.90 -17.85
CA ASP D 4 29.13 16.72 -18.49
C ASP D 4 29.07 16.50 -20.00
N ASN D 5 30.15 15.96 -20.61
CA ASN D 5 30.09 15.62 -22.02
C ASN D 5 29.08 14.52 -22.29
N TYR D 6 28.71 13.75 -21.27
CA TYR D 6 27.71 12.71 -21.40
C TYR D 6 26.31 13.23 -21.10
N ARG D 7 26.17 14.47 -20.65
CA ARG D 7 24.83 14.99 -20.38
C ARG D 7 24.15 15.40 -21.68
N VAL D 8 22.89 15.00 -21.85
CA VAL D 8 22.07 15.46 -22.97
C VAL D 8 21.62 16.89 -22.68
N LYS D 9 22.12 17.85 -23.45
CA LYS D 9 21.77 19.25 -23.19
C LYS D 9 20.33 19.52 -23.65
N PRO D 10 19.61 20.40 -22.95
CA PRO D 10 18.18 20.63 -23.28
C PRO D 10 18.00 21.06 -24.73
N GLY D 11 17.04 20.43 -25.40
CA GLY D 11 16.73 20.80 -26.76
C GLY D 11 17.63 20.22 -27.82
N LYS D 12 18.69 19.49 -27.45
CA LYS D 12 19.63 18.95 -28.43
C LYS D 12 19.31 17.47 -28.68
N ARG D 13 18.75 17.15 -29.83
CA ARG D 13 18.37 15.75 -30.08
C ARG D 13 19.59 14.83 -30.18
N VAL D 14 19.48 13.65 -29.60
CA VAL D 14 20.56 12.67 -29.58
C VAL D 14 20.44 11.78 -30.81
N LYS D 15 21.56 11.57 -31.50
CA LYS D 15 21.71 10.50 -32.47
C LYS D 15 22.67 9.51 -31.83
N LEU D 16 22.11 8.39 -31.31
CA LEU D 16 22.91 7.48 -30.49
C LEU D 16 24.10 6.89 -31.24
N SER D 17 23.97 6.67 -32.55
CA SER D 17 25.08 6.09 -33.31
C SER D 17 26.32 6.99 -33.31
N ASP D 18 26.18 8.25 -32.91
CA ASP D 18 27.29 9.18 -32.81
C ASP D 18 27.84 9.32 -31.38
N TRP D 19 27.29 8.60 -30.39
CA TRP D 19 27.76 8.68 -29.02
C TRP D 19 28.58 7.44 -28.67
N ALA D 20 29.69 7.64 -27.96
CA ALA D 20 30.61 6.55 -27.68
C ALA D 20 30.01 5.48 -26.77
N THR D 21 30.33 4.20 -27.08
CA THR D 21 29.98 3.11 -26.16
C THR D 21 31.16 2.62 -25.36
N ASN D 22 32.42 3.01 -25.69
CA ASN D 22 33.57 2.25 -25.23
C ASN D 22 34.68 3.13 -24.64
N ASP D 23 34.35 4.29 -24.10
CA ASP D 23 35.35 5.19 -23.50
C ASP D 23 36.05 4.54 -22.30
N ASP D 24 37.29 4.99 -22.04
CA ASP D 24 37.98 4.67 -20.79
C ASP D 24 38.65 5.88 -20.14
N ALA D 25 38.49 7.07 -20.70
CA ALA D 25 39.09 8.30 -20.18
C ALA D 25 40.60 8.17 -20.00
N GLY D 26 41.24 7.32 -20.82
CA GLY D 26 42.69 7.16 -20.70
C GLY D 26 43.17 6.38 -19.50
N LEU D 27 42.26 5.74 -18.76
CA LEU D 27 42.55 4.99 -17.54
C LEU D 27 42.62 3.50 -17.83
N SER D 28 43.46 2.79 -17.08
CA SER D 28 43.36 1.34 -17.05
C SER D 28 42.17 0.95 -16.18
N LYS D 29 41.70 -0.29 -16.37
CA LYS D 29 40.67 -0.84 -15.49
C LYS D 29 41.09 -0.77 -14.02
N GLU D 30 42.36 -1.13 -13.72
CA GLU D 30 42.75 -1.13 -12.33
C GLU D 30 42.70 0.27 -11.74
N GLU D 31 43.16 1.28 -12.50
CA GLU D 31 43.06 2.66 -12.03
C GLU D 31 41.60 3.06 -11.83
N GLY D 32 40.73 2.70 -12.79
CA GLY D 32 39.32 3.07 -12.69
C GLY D 32 38.63 2.44 -11.49
N GLN D 33 38.88 1.15 -11.26
CA GLN D 33 38.26 0.48 -10.12
C GLN D 33 38.75 1.08 -8.80
N ALA D 34 40.03 1.46 -8.71
CA ALA D 34 40.53 2.10 -7.51
C ALA D 34 39.87 3.46 -7.30
N GLN D 35 39.68 4.23 -8.38
CA GLN D 35 38.94 5.48 -8.23
C GLN D 35 37.49 5.23 -7.79
N THR D 36 36.85 4.19 -8.34
CA THR D 36 35.48 3.88 -7.95
C THR D 36 35.41 3.52 -6.45
N ALA D 37 36.42 2.79 -5.96
CA ALA D 37 36.42 2.44 -4.53
C ALA D 37 36.53 3.67 -3.66
N LYS D 38 37.33 4.65 -4.10
CA LYS D 38 37.48 5.87 -3.33
C LYS D 38 36.21 6.70 -3.37
N LEU D 39 35.57 6.77 -4.55
CA LEU D 39 34.28 7.46 -4.62
C LEU D 39 33.23 6.77 -3.77
N ALA D 40 33.32 5.45 -3.58
CA ALA D 40 32.29 4.78 -2.77
C ALA D 40 32.23 5.33 -1.34
N GLY D 41 33.39 5.63 -0.73
CA GLY D 41 33.39 6.22 0.60
C GLY D 41 32.77 7.60 0.63
N GLU D 42 33.00 8.38 -0.42
CA GLU D 42 32.40 9.71 -0.46
C GLU D 42 30.89 9.63 -0.71
N LEU D 43 30.45 8.70 -1.57
CA LEU D 43 29.03 8.47 -1.74
C LEU D 43 28.34 8.11 -0.41
N ALA D 44 28.96 7.21 0.38
CA ALA D 44 28.36 6.80 1.66
C ALA D 44 28.28 7.99 2.63
N GLU D 45 29.33 8.83 2.67
CA GLU D 45 29.33 9.98 3.56
C GLU D 45 28.23 10.97 3.17
N TRP D 46 28.08 11.24 1.88
CA TRP D 46 27.10 12.24 1.44
C TRP D 46 25.67 11.70 1.56
N GLN D 47 25.49 10.41 1.32
CA GLN D 47 24.16 9.81 1.52
C GLN D 47 23.78 9.78 3.00
N GLU D 48 24.74 9.56 3.90
CA GLU D 48 24.43 9.68 5.32
C GLU D 48 23.95 11.08 5.66
N ARG D 49 24.61 12.12 5.13
CA ARG D 49 24.15 13.49 5.36
C ARG D 49 22.77 13.72 4.78
N LEU D 50 22.50 13.19 3.58
CA LEU D 50 21.17 13.29 3.00
C LEU D 50 20.10 12.71 3.93
N TYR D 51 20.39 11.54 4.48
CA TYR D 51 19.42 10.85 5.35
C TYR D 51 19.23 11.61 6.65
N ALA D 52 20.35 12.02 7.27
CA ALA D 52 20.28 12.74 8.54
C ALA D 52 19.55 14.07 8.41
N GLU D 53 19.76 14.78 7.29
CA GLU D 53 19.08 16.05 7.06
C GLU D 53 17.57 15.88 6.89
N GLY D 54 17.14 14.84 6.16
CA GLY D 54 15.73 14.56 6.01
C GLY D 54 14.93 15.63 5.29
N LYS D 55 15.55 16.35 4.36
CA LYS D 55 14.86 17.42 3.64
C LYS D 55 14.78 17.23 2.14
N GLN D 56 15.64 16.40 1.56
CA GLN D 56 15.75 16.25 0.12
C GLN D 56 15.83 14.77 -0.21
N SER D 57 15.68 14.43 -1.48
CA SER D 57 15.85 13.05 -1.91
C SER D 57 16.54 13.03 -3.27
N LEU D 58 17.04 11.87 -3.63
CA LEU D 58 17.73 11.66 -4.89
C LEU D 58 17.02 10.51 -5.59
N LEU D 59 16.68 10.70 -6.86
CA LEU D 59 16.05 9.66 -7.65
C LEU D 59 16.92 9.40 -8.87
N LEU D 60 17.49 8.20 -8.92
CA LEU D 60 18.24 7.72 -10.08
C LEU D 60 17.31 6.84 -10.93
N ILE D 61 17.19 7.17 -12.21
CA ILE D 61 16.41 6.39 -13.16
C ILE D 61 17.38 5.73 -14.13
N LEU D 62 17.26 4.41 -14.29
CA LEU D 62 18.09 3.64 -15.20
C LEU D 62 17.25 3.04 -16.32
N GLN D 63 17.64 3.29 -17.56
CA GLN D 63 17.07 2.60 -18.71
C GLN D 63 18.21 2.13 -19.60
N ALA D 64 18.05 0.95 -20.20
CA ALA D 64 19.09 0.37 -21.03
C ALA D 64 18.56 -0.92 -21.59
N ARG D 65 19.15 -1.33 -22.71
CA ARG D 65 18.87 -2.61 -23.34
C ARG D 65 19.28 -3.75 -22.41
N ASP D 66 18.72 -4.93 -22.66
CA ASP D 66 19.06 -6.08 -21.84
C ASP D 66 20.57 -6.35 -21.91
N ALA D 67 21.13 -6.70 -20.76
CA ALA D 67 22.55 -6.98 -20.55
C ALA D 67 23.42 -5.73 -20.58
N ALA D 68 22.85 -4.53 -20.67
CA ALA D 68 23.68 -3.32 -20.74
C ALA D 68 24.20 -2.85 -19.39
N GLY D 69 23.77 -3.46 -18.29
CA GLY D 69 24.46 -3.23 -17.03
C GLY D 69 23.66 -2.56 -15.94
N LYS D 70 22.31 -2.54 -16.07
CA LYS D 70 21.50 -1.91 -15.04
C LYS D 70 21.69 -2.61 -13.70
N ASP D 71 21.56 -3.94 -13.71
CA ASP D 71 21.71 -4.73 -12.49
C ASP D 71 23.11 -4.55 -11.90
N GLY D 72 24.13 -4.56 -12.77
CA GLY D 72 25.50 -4.43 -12.30
C GLY D 72 25.76 -3.07 -11.68
N ALA D 73 25.21 -2.01 -12.29
CA ALA D 73 25.40 -0.66 -11.77
C ALA D 73 24.78 -0.53 -10.39
N VAL D 74 23.62 -1.13 -10.19
CA VAL D 74 22.95 -1.08 -8.89
C VAL D 74 23.79 -1.81 -7.84
N LYS D 75 24.28 -3.01 -8.18
CA LYS D 75 25.09 -3.76 -7.21
C LYS D 75 26.33 -2.98 -6.82
N LYS D 76 27.05 -2.46 -7.80
CA LYS D 76 28.37 -1.89 -7.53
C LYS D 76 28.26 -0.48 -6.96
N VAL D 77 27.46 0.36 -7.60
CA VAL D 77 27.46 1.77 -7.25
C VAL D 77 26.43 2.07 -6.17
N ILE D 78 25.16 1.67 -6.39
CA ILE D 78 24.17 1.86 -5.34
C ILE D 78 24.55 1.05 -4.08
N GLY D 79 25.28 -0.05 -4.24
CA GLY D 79 25.82 -0.77 -3.09
C GLY D 79 26.81 0.06 -2.23
N ALA D 80 27.30 1.21 -2.72
CA ALA D 80 28.14 2.05 -1.84
C ALA D 80 27.33 2.75 -0.75
N PHE D 81 26.04 2.97 -0.98
CA PHE D 81 25.17 3.60 0.01
C PHE D 81 24.81 2.62 1.12
N ASN D 82 24.42 3.18 2.28
CA ASN D 82 23.82 2.39 3.35
C ASN D 82 22.46 1.92 2.85
N PRO D 83 22.20 0.62 2.82
CA PRO D 83 20.92 0.16 2.23
C PRO D 83 19.71 0.59 3.02
N ALA D 84 19.87 0.94 4.30
CA ALA D 84 18.74 1.49 5.04
C ALA D 84 18.28 2.83 4.47
N GLY D 85 19.10 3.49 3.64
CA GLY D 85 18.72 4.79 3.07
C GLY D 85 18.40 4.73 1.58
N VAL D 86 18.17 3.54 1.06
CA VAL D 86 18.00 3.32 -0.39
C VAL D 86 16.72 2.56 -0.61
N GLN D 87 15.96 2.94 -1.63
CA GLN D 87 14.78 2.18 -2.05
C GLN D 87 14.96 1.86 -3.51
N ILE D 88 15.10 0.58 -3.84
CA ILE D 88 15.29 0.15 -5.21
C ILE D 88 13.99 -0.49 -5.68
N THR D 89 13.52 -0.07 -6.85
CA THR D 89 12.35 -0.69 -7.48
C THR D 89 12.71 -1.14 -8.89
N SER D 90 12.51 -2.40 -9.18
CA SER D 90 12.70 -2.94 -10.51
C SER D 90 11.32 -3.04 -11.16
N PHE D 91 11.04 -2.16 -12.10
CA PHE D 91 9.71 -2.12 -12.71
C PHE D 91 9.62 -3.20 -13.80
N LYS D 92 8.67 -4.11 -13.63
CA LYS D 92 8.43 -5.19 -14.57
C LYS D 92 7.13 -4.94 -15.33
N GLN D 93 6.68 -5.94 -16.09
CA GLN D 93 5.43 -5.83 -16.83
C GLN D 93 4.31 -5.39 -15.87
N PRO D 94 3.54 -4.35 -16.23
CA PRO D 94 2.43 -3.93 -15.36
C PRO D 94 1.47 -5.08 -15.04
N SER D 95 1.11 -5.19 -13.77
CA SER D 95 0.10 -6.12 -13.31
C SER D 95 -1.29 -5.68 -13.77
N ALA D 96 -2.28 -6.56 -13.58
CA ALA D 96 -3.66 -6.19 -13.92
C ALA D 96 -4.11 -4.97 -13.12
N GLU D 97 -3.77 -4.94 -11.83
CA GLU D 97 -4.15 -3.78 -11.02
C GLU D 97 -3.45 -2.53 -11.53
N GLU D 98 -2.16 -2.62 -11.89
CA GLU D 98 -1.47 -1.43 -12.40
C GLU D 98 -2.06 -0.95 -13.73
N LEU D 99 -2.42 -1.87 -14.63
CA LEU D 99 -3.01 -1.49 -15.90
C LEU D 99 -4.40 -0.87 -15.73
N SER D 100 -5.06 -1.10 -14.61
CA SER D 100 -6.37 -0.51 -14.35
C SER D 100 -6.24 0.93 -13.88
N HIS D 101 -5.03 1.46 -13.74
CA HIS D 101 -4.78 2.84 -13.39
C HIS D 101 -4.01 3.52 -14.50
N ASP D 102 -3.87 4.84 -14.39
CA ASP D 102 -3.02 5.57 -15.34
C ASP D 102 -1.56 5.08 -15.24
N PHE D 103 -0.81 5.27 -16.32
CA PHE D 103 0.52 4.65 -16.35
C PHE D 103 1.49 5.21 -15.29
N LEU D 104 1.24 6.40 -14.73
CA LEU D 104 2.14 6.93 -13.71
C LEU D 104 1.74 6.55 -12.29
N TRP D 105 0.59 5.91 -12.12
CA TRP D 105 0.10 5.57 -10.80
C TRP D 105 1.11 4.69 -10.05
N ARG D 106 1.58 3.62 -10.70
CA ARG D 106 2.52 2.75 -10.03
C ARG D 106 3.88 3.40 -9.87
N ILE D 107 4.23 4.35 -10.75
CA ILE D 107 5.55 5.00 -10.70
C ILE D 107 5.58 5.99 -9.53
N HIS D 108 4.54 6.83 -9.44
CA HIS D 108 4.47 7.82 -8.39
C HIS D 108 4.50 7.17 -7.00
N GLN D 109 3.83 6.02 -6.83
CA GLN D 109 3.83 5.35 -5.53
CA GLN D 109 3.84 5.28 -5.56
C GLN D 109 5.25 5.13 -5.01
N LYS D 110 6.22 4.91 -5.90
CA LYS D 110 7.60 4.58 -5.53
C LYS D 110 8.55 5.77 -5.48
N ALA D 111 8.05 7.00 -5.66
CA ALA D 111 8.92 8.16 -5.57
C ALA D 111 9.52 8.24 -4.16
N PRO D 112 10.77 8.65 -4.01
CA PRO D 112 11.45 8.50 -2.71
C PRO D 112 10.97 9.53 -1.69
N ALA D 113 10.92 9.11 -0.43
CA ALA D 113 10.64 10.04 0.68
C ALA D 113 11.85 10.92 0.96
N LYS D 114 11.60 12.03 1.69
CA LYS D 114 12.69 12.90 2.14
C LYS D 114 13.73 12.08 2.90
N GLY D 115 15.01 12.34 2.59
CA GLY D 115 16.10 11.64 3.20
C GLY D 115 16.59 10.43 2.44
N TYR D 116 15.87 9.95 1.42
CA TYR D 116 16.21 8.68 0.78
C TYR D 116 16.77 8.85 -0.62
N VAL D 117 17.54 7.85 -1.05
CA VAL D 117 17.90 7.66 -2.44
C VAL D 117 16.93 6.65 -3.01
N GLY D 118 16.23 7.02 -4.09
CA GLY D 118 15.36 6.09 -4.81
C GLY D 118 16.04 5.69 -6.11
N VAL D 119 15.88 4.43 -6.50
CA VAL D 119 16.45 3.91 -7.75
C VAL D 119 15.35 3.20 -8.51
N PHE D 120 15.09 3.66 -9.72
CA PHE D 120 14.17 3.01 -10.63
C PHE D 120 15.01 2.24 -11.64
N ASN D 121 15.07 0.92 -11.49
CA ASN D 121 15.64 0.05 -12.53
C ASN D 121 14.50 -0.24 -13.51
N ARG D 122 14.51 0.46 -14.64
CA ARG D 122 13.36 0.73 -15.52
C ARG D 122 12.38 1.66 -14.82
N SER D 123 11.44 2.26 -15.55
CA SER D 123 10.80 3.45 -15.01
C SER D 123 9.57 3.78 -15.83
N GLN D 124 9.06 4.99 -15.63
CA GLN D 124 7.99 5.53 -16.46
C GLN D 124 8.34 5.48 -17.95
N TYR D 125 9.64 5.47 -18.28
CA TYR D 125 9.98 5.51 -19.70
C TYR D 125 9.66 4.21 -20.42
N GLU D 126 9.51 3.09 -19.70
CA GLU D 126 9.07 1.86 -20.37
C GLU D 126 7.76 2.09 -21.13
N ASP D 127 6.89 2.97 -20.60
CA ASP D 127 5.62 3.19 -21.25
C ASP D 127 5.71 3.98 -22.56
N VAL D 128 6.90 4.45 -22.94
CA VAL D 128 7.07 5.06 -24.26
C VAL D 128 8.26 4.43 -24.98
N LEU D 129 8.64 3.19 -24.60
CA LEU D 129 9.75 2.51 -25.29
C LEU D 129 9.23 1.25 -25.98
N VAL D 130 9.20 0.12 -25.24
CA VAL D 130 8.70 -1.15 -25.80
C VAL D 130 7.27 -0.99 -26.30
N THR D 131 6.46 -0.17 -25.63
CA THR D 131 5.09 0.02 -26.06
C THR D 131 5.01 0.65 -27.45
N ARG D 132 6.02 1.46 -27.82
CA ARG D 132 6.00 2.04 -29.17
C ARG D 132 6.53 1.05 -30.21
N VAL D 133 7.61 0.33 -29.88
CA VAL D 133 8.25 -0.57 -30.86
C VAL D 133 7.26 -1.60 -31.36
N TYR D 134 6.45 -2.13 -30.47
CA TYR D 134 5.52 -3.19 -30.80
C TYR D 134 4.09 -2.67 -30.94
N ASP D 135 3.93 -1.35 -31.12
CA ASP D 135 2.66 -0.73 -31.53
C ASP D 135 1.55 -0.99 -30.53
N MET D 136 1.90 -1.11 -29.25
CA MET D 136 0.87 -1.13 -28.24
C MET D 136 0.24 0.25 -28.07
N ILE D 137 1.01 1.32 -28.36
CA ILE D 137 0.47 2.66 -28.44
C ILE D 137 0.95 3.28 -29.76
N ASP D 138 0.25 4.33 -30.18
CA ASP D 138 0.66 5.07 -31.37
C ASP D 138 1.43 6.33 -30.99
N ASP D 139 1.87 7.07 -32.02
CA ASP D 139 2.69 8.27 -31.82
C ASP D 139 1.94 9.34 -31.05
N LYS D 140 0.65 9.53 -31.34
CA LYS D 140 -0.10 10.53 -30.58
C LYS D 140 -0.09 10.19 -29.09
N THR D 141 -0.39 8.95 -28.74
CA THR D 141 -0.34 8.59 -27.32
C THR D 141 1.06 8.74 -26.74
N ALA D 142 2.09 8.37 -27.51
CA ALA D 142 3.45 8.45 -26.99
C ALA D 142 3.86 9.88 -26.68
N LYS D 143 3.53 10.83 -27.58
CA LYS D 143 3.87 12.22 -27.34
C LYS D 143 3.15 12.75 -26.12
N ARG D 144 1.88 12.36 -25.95
CA ARG D 144 1.15 12.78 -24.77
C ARG D 144 1.79 12.19 -23.51
N ARG D 145 2.18 10.92 -23.55
CA ARG D 145 2.83 10.32 -22.39
C ARG D 145 4.14 11.02 -22.06
N LEU D 146 4.92 11.42 -23.08
CA LEU D 146 6.16 12.13 -22.80
C LEU D 146 5.89 13.44 -22.10
N GLU D 147 4.82 14.12 -22.48
CA GLU D 147 4.44 15.35 -21.80
C GLU D 147 4.06 15.09 -20.35
N HIS D 148 3.24 14.05 -20.08
CA HIS D 148 2.92 13.73 -18.69
C HIS D 148 4.17 13.36 -17.90
N ILE D 149 5.13 12.69 -18.54
CA ILE D 149 6.38 12.36 -17.83
C ILE D 149 7.13 13.63 -17.44
N ARG D 150 7.29 14.57 -18.39
N ARG D 150 7.26 14.59 -18.37
CA ARG D 150 7.91 15.85 -18.06
CA ARG D 150 7.93 15.84 -18.02
C ARG D 150 7.21 16.51 -16.87
C ARG D 150 7.21 16.58 -16.89
N HIS D 151 5.87 16.59 -16.92
CA HIS D 151 5.14 17.21 -15.83
C HIS D 151 5.41 16.52 -14.50
N PHE D 152 5.44 15.18 -14.50
CA PHE D 152 5.70 14.39 -13.29
C PHE D 152 7.09 14.69 -12.76
N GLU D 153 8.07 14.79 -13.66
CA GLU D 153 9.42 15.07 -13.20
C GLU D 153 9.50 16.49 -12.63
N GLU D 154 8.77 17.45 -13.20
CA GLU D 154 8.74 18.80 -12.63
C GLU D 154 8.13 18.82 -11.23
N LEU D 155 7.06 18.02 -11.03
CA LEU D 155 6.43 17.87 -9.70
C LEU D 155 7.44 17.40 -8.67
N LEU D 156 8.19 16.34 -8.99
CA LEU D 156 9.17 15.81 -8.05
C LEU D 156 10.31 16.80 -7.82
N THR D 157 10.78 17.46 -8.89
CA THR D 157 11.83 18.47 -8.73
C THR D 157 11.42 19.56 -7.74
N ASP D 158 10.18 20.04 -7.84
CA ASP D 158 9.71 21.06 -6.92
C ASP D 158 9.55 20.57 -5.48
N ASN D 159 9.52 19.26 -5.28
CA ASN D 159 9.50 18.59 -3.98
C ASN D 159 10.91 18.32 -3.43
N ALA D 160 11.95 18.91 -4.05
CA ALA D 160 13.36 18.69 -3.68
C ALA D 160 13.79 17.24 -3.91
N THR D 161 13.16 16.55 -4.86
CA THR D 161 13.68 15.29 -5.37
C THR D 161 14.58 15.63 -6.54
N ARG D 162 15.90 15.44 -6.37
CA ARG D 162 16.86 15.65 -7.44
C ARG D 162 16.81 14.46 -8.40
N ILE D 163 16.55 14.70 -9.69
CA ILE D 163 16.35 13.62 -10.65
C ILE D 163 17.58 13.49 -11.53
N VAL D 164 18.09 12.26 -11.64
CA VAL D 164 19.19 11.90 -12.55
C VAL D 164 18.73 10.70 -13.35
N LYS D 165 18.67 10.85 -14.67
CA LYS D 165 18.30 9.77 -15.59
C LYS D 165 19.53 9.30 -16.36
N VAL D 166 19.74 7.99 -16.43
CA VAL D 166 20.94 7.40 -17.01
C VAL D 166 20.55 6.34 -18.03
N TYR D 167 21.00 6.51 -19.26
CA TYR D 167 20.89 5.50 -20.31
C TYR D 167 22.26 4.82 -20.46
N LEU D 168 22.30 3.49 -20.25
CA LEU D 168 23.57 2.76 -20.39
C LEU D 168 23.72 2.37 -21.85
N HIS D 169 24.75 2.88 -22.51
CA HIS D 169 24.88 2.82 -23.97
C HIS D 169 25.90 1.73 -24.34
N ILE D 170 25.43 0.62 -24.94
CA ILE D 170 26.38 -0.41 -25.38
C ILE D 170 26.25 -0.66 -26.85
N SER D 171 27.34 -1.18 -27.39
CA SER D 171 27.40 -1.53 -28.80
C SER D 171 26.60 -2.83 -29.03
N PRO D 172 26.05 -3.03 -30.24
CA PRO D 172 25.38 -4.31 -30.53
C PRO D 172 26.26 -5.52 -30.34
N GLU D 173 27.53 -5.45 -30.74
CA GLU D 173 28.41 -6.61 -30.57
C GLU D 173 28.70 -6.89 -29.10
N GLU D 174 28.80 -5.83 -28.28
CA GLU D 174 29.00 -6.05 -26.85
C GLU D 174 27.76 -6.72 -26.24
N GLN D 175 26.57 -6.28 -26.67
CA GLN D 175 25.38 -6.92 -26.16
C GLN D 175 25.38 -8.39 -26.56
N LYS D 176 25.77 -8.69 -27.79
CA LYS D 176 25.80 -10.06 -28.28
C LYS D 176 26.76 -10.92 -27.44
N GLU D 177 27.93 -10.37 -27.10
CA GLU D 177 28.86 -11.12 -26.25
C GLU D 177 28.20 -11.49 -24.93
N ARG D 178 27.53 -10.52 -24.31
CA ARG D 178 26.94 -10.72 -22.98
C ARG D 178 25.73 -11.65 -23.03
N LEU D 179 24.89 -11.51 -24.06
CA LEU D 179 23.77 -12.45 -24.20
C LEU D 179 24.29 -13.87 -24.47
N GLN D 180 25.35 -14.00 -25.27
CA GLN D 180 25.91 -15.33 -25.52
C GLN D 180 26.45 -15.94 -24.23
N ALA D 181 27.04 -15.11 -23.36
CA ALA D 181 27.56 -15.64 -22.10
C ALA D 181 26.45 -16.21 -21.22
N ARG D 182 25.25 -15.63 -21.29
CA ARG D 182 24.11 -16.17 -20.56
C ARG D 182 23.69 -17.52 -21.10
N LEU D 183 23.62 -17.67 -22.42
CA LEU D 183 23.31 -18.97 -23.03
C LEU D 183 24.37 -19.99 -22.68
N ASP D 184 25.64 -19.56 -22.57
CA ASP D 184 26.74 -20.50 -22.35
C ASP D 184 26.80 -21.00 -20.92
N ASN D 185 26.25 -20.26 -19.97
CA ASN D 185 26.43 -20.53 -18.54
C ASN D 185 25.17 -21.16 -17.98
N PRO D 186 25.22 -22.42 -17.51
CA PRO D 186 23.99 -23.07 -17.02
C PRO D 186 23.31 -22.33 -15.88
N GLY D 187 24.05 -21.59 -15.05
CA GLY D 187 23.44 -20.80 -14.01
C GLY D 187 22.85 -19.49 -14.48
N LYS D 188 22.92 -19.18 -15.78
CA LYS D 188 22.33 -17.96 -16.33
C LYS D 188 21.26 -18.19 -17.39
N HIS D 189 20.97 -19.46 -17.75
CA HIS D 189 19.92 -19.75 -18.73
C HIS D 189 18.63 -19.05 -18.36
N TRP D 190 18.33 -18.97 -17.06
CA TRP D 190 17.09 -18.40 -16.56
C TRP D 190 16.91 -16.93 -16.90
N LYS D 191 17.96 -16.25 -17.34
CA LYS D 191 17.88 -14.84 -17.69
C LYS D 191 17.86 -14.61 -19.18
N PHE D 192 17.86 -15.66 -19.99
CA PHE D 192 17.76 -15.50 -21.42
C PHE D 192 16.33 -15.82 -21.86
N ASN D 193 15.71 -14.91 -22.61
CA ASN D 193 14.32 -15.03 -23.02
C ASN D 193 14.15 -14.65 -24.48
N PRO D 194 13.07 -15.13 -25.12
CA PRO D 194 12.85 -14.81 -26.55
C PRO D 194 12.85 -13.33 -26.89
N GLY D 195 12.40 -12.44 -25.99
CA GLY D 195 12.40 -11.01 -26.28
C GLY D 195 13.79 -10.50 -26.57
N ASP D 196 14.80 -11.13 -26.00
CA ASP D 196 16.16 -10.73 -26.29
C ASP D 196 16.42 -10.73 -27.78
N LEU D 197 15.95 -11.76 -28.48
CA LEU D 197 16.23 -11.81 -29.90
C LEU D 197 15.34 -10.86 -30.68
N LYS D 198 14.04 -10.81 -30.35
CA LYS D 198 13.11 -9.95 -31.07
C LYS D 198 13.56 -8.49 -31.02
N ASP D 199 13.99 -8.03 -29.85
CA ASP D 199 14.38 -6.64 -29.71
C ASP D 199 15.63 -6.32 -30.53
N ARG D 200 16.53 -7.30 -30.72
CA ARG D 200 17.71 -7.06 -31.54
C ARG D 200 17.36 -6.83 -33.00
N SER D 201 16.40 -7.58 -33.55
CA SER D 201 15.97 -7.30 -34.92
CA SER D 201 15.97 -7.30 -34.92
C SER D 201 15.32 -5.93 -35.05
N ASN D 202 14.87 -5.35 -33.93
CA ASN D 202 14.33 -4.02 -33.85
C ASN D 202 15.30 -2.99 -33.28
N TRP D 203 16.62 -3.19 -33.45
CA TRP D 203 17.61 -2.32 -32.82
C TRP D 203 17.41 -0.86 -33.19
N ASP D 204 17.21 -0.59 -34.48
CA ASP D 204 17.12 0.80 -34.95
C ASP D 204 15.81 1.43 -34.48
N LYS D 205 14.72 0.67 -34.44
CA LYS D 205 13.48 1.21 -33.88
C LYS D 205 13.68 1.56 -32.41
N PHE D 206 14.41 0.74 -31.65
CA PHE D 206 14.68 1.06 -30.26
C PHE D 206 15.54 2.32 -30.14
N ASN D 207 16.55 2.49 -31.01
CA ASN D 207 17.30 3.75 -31.03
C ASN D 207 16.35 4.94 -31.22
N ASP D 208 15.40 4.83 -32.15
CA ASP D 208 14.48 5.92 -32.41
C ASP D 208 13.69 6.28 -31.15
N VAL D 209 13.14 5.28 -30.47
CA VAL D 209 12.28 5.65 -29.35
C VAL D 209 13.12 6.04 -28.14
N TYR D 210 14.33 5.48 -28.00
CA TYR D 210 15.20 5.99 -26.93
C TYR D 210 15.57 7.45 -27.15
N GLU D 211 15.90 7.83 -28.40
CA GLU D 211 16.22 9.23 -28.71
C GLU D 211 15.03 10.13 -28.42
N ASP D 212 13.79 9.67 -28.71
CA ASP D 212 12.61 10.45 -28.30
C ASP D 212 12.55 10.64 -26.78
N ALA D 213 12.82 9.57 -26.03
CA ALA D 213 12.77 9.63 -24.57
C ALA D 213 13.82 10.60 -24.01
N LEU D 214 15.01 10.61 -24.62
CA LEU D 214 16.08 11.49 -24.18
C LEU D 214 15.71 12.97 -24.34
N THR D 215 14.67 13.31 -25.13
CA THR D 215 14.28 14.71 -25.29
C THR D 215 13.67 15.30 -24.01
N THR D 216 13.37 14.51 -22.97
CA THR D 216 12.97 15.06 -21.67
C THR D 216 14.17 15.55 -20.84
N SER D 217 15.38 15.43 -21.35
CA SER D 217 16.52 15.98 -20.61
C SER D 217 16.40 17.50 -20.50
N THR D 218 16.37 17.98 -19.26
CA THR D 218 16.35 19.40 -18.93
C THR D 218 17.48 19.66 -17.96
N ASP D 219 17.74 20.94 -17.64
CA ASP D 219 18.77 21.21 -16.64
C ASP D 219 18.40 20.62 -15.28
N ASP D 220 17.12 20.67 -14.91
CA ASP D 220 16.71 20.14 -13.61
C ASP D 220 16.61 18.60 -13.58
N ALA D 221 16.30 17.97 -14.72
CA ALA D 221 16.07 16.52 -14.84
C ALA D 221 16.86 16.03 -16.05
N PRO D 222 18.18 15.91 -15.90
CA PRO D 222 19.02 15.58 -17.05
C PRO D 222 19.04 14.10 -17.33
N TRP D 223 19.16 13.76 -18.62
CA TRP D 223 19.65 12.46 -19.06
C TRP D 223 21.16 12.51 -19.24
N TYR D 224 21.82 11.40 -18.90
CA TYR D 224 23.21 11.10 -19.26
C TYR D 224 23.22 9.84 -20.11
N VAL D 225 24.04 9.84 -21.14
CA VAL D 225 24.29 8.71 -22.04
C VAL D 225 25.68 8.18 -21.68
N VAL D 226 25.73 7.10 -20.91
CA VAL D 226 26.99 6.62 -20.31
C VAL D 226 27.56 5.50 -21.17
N PRO D 227 28.80 5.62 -21.67
CA PRO D 227 29.43 4.49 -22.38
C PRO D 227 29.61 3.31 -21.46
N ALA D 228 28.99 2.19 -21.79
CA ALA D 228 28.87 1.09 -20.85
C ALA D 228 29.48 -0.22 -21.35
N ASP D 229 30.19 -0.21 -22.50
CA ASP D 229 30.87 -1.42 -22.95
C ASP D 229 31.89 -1.93 -21.93
N ARG D 230 32.58 -1.03 -21.23
CA ARG D 230 33.49 -1.42 -20.17
C ARG D 230 32.71 -1.27 -18.86
N LYS D 231 32.43 -2.40 -18.20
CA LYS D 231 31.59 -2.34 -16.99
C LYS D 231 32.23 -1.47 -15.92
N TRP D 232 33.57 -1.57 -15.74
CA TRP D 232 34.21 -0.73 -14.72
C TRP D 232 34.06 0.75 -15.04
N TYR D 233 34.03 1.11 -16.31
CA TYR D 233 33.91 2.52 -16.67
C TYR D 233 32.49 3.03 -16.42
N ARG D 234 31.49 2.21 -16.75
CA ARG D 234 30.11 2.49 -16.35
C ARG D 234 30.02 2.85 -14.87
N ASP D 235 30.60 2.00 -14.01
CA ASP D 235 30.50 2.25 -12.56
C ASP D 235 31.22 3.52 -12.15
N LEU D 236 32.40 3.79 -12.74
CA LEU D 236 33.12 5.02 -12.45
C LEU D 236 32.31 6.26 -12.85
N VAL D 237 31.77 6.28 -14.08
CA VAL D 237 31.01 7.44 -14.54
C VAL D 237 29.78 7.65 -13.66
N LEU D 238 29.04 6.56 -13.40
CA LEU D 238 27.83 6.67 -12.58
C LEU D 238 28.17 7.13 -11.16
N SER D 239 29.31 6.67 -10.61
CA SER D 239 29.72 7.17 -9.28
C SER D 239 29.95 8.67 -9.30
N HIS D 240 30.63 9.18 -10.34
CA HIS D 240 30.81 10.63 -10.49
C HIS D 240 29.47 11.35 -10.62
N ILE D 241 28.55 10.81 -11.42
CA ILE D 241 27.27 11.49 -11.61
C ILE D 241 26.54 11.65 -10.29
N LEU D 242 26.44 10.57 -9.52
CA LEU D 242 25.70 10.61 -8.27
C LEU D 242 26.41 11.45 -7.23
N LEU D 243 27.75 11.38 -7.18
CA LEU D 243 28.47 12.18 -6.20
C LEU D 243 28.34 13.66 -6.52
N GLY D 244 28.43 14.03 -7.81
CA GLY D 244 28.23 15.41 -8.21
C GLY D 244 26.85 15.92 -7.78
N ALA D 245 25.82 15.09 -7.95
CA ALA D 245 24.47 15.47 -7.55
C ALA D 245 24.37 15.68 -6.05
N LEU D 246 24.87 14.73 -5.24
CA LEU D 246 24.80 14.86 -3.79
C LEU D 246 25.59 16.07 -3.29
N LYS D 247 26.80 16.29 -3.82
CA LYS D 247 27.57 17.45 -3.37
C LYS D 247 26.82 18.74 -3.69
N ASP D 248 26.15 18.79 -4.83
CA ASP D 248 25.41 19.99 -5.20
C ASP D 248 24.17 20.18 -4.33
N MET D 249 23.48 19.08 -4.01
CA MET D 249 22.38 19.15 -3.07
C MET D 249 22.86 19.64 -1.71
N ASN D 250 24.11 19.33 -1.38
CA ASN D 250 24.77 19.83 -0.19
C ASN D 250 23.98 19.64 1.11
N PRO D 251 23.52 18.41 1.40
CA PRO D 251 22.76 18.21 2.65
C PRO D 251 23.63 18.47 3.87
N GLN D 252 23.00 19.01 4.92
CA GLN D 252 23.68 19.40 6.16
C GLN D 252 23.18 18.54 7.31
N PHE D 253 24.10 18.12 8.17
CA PHE D 253 23.69 17.48 9.42
C PHE D 253 22.75 18.40 10.18
N PRO D 254 21.70 17.86 10.79
CA PRO D 254 20.71 18.68 11.50
C PRO D 254 21.25 19.20 12.84
N ALA D 255 20.61 20.26 13.36
CA ALA D 255 21.00 20.72 14.70
C ALA D 255 20.67 19.64 15.73
N ILE D 256 21.51 19.48 16.74
CA ILE D 256 21.26 18.46 17.74
C ILE D 256 20.79 19.16 19.00
N ASP D 257 20.13 18.39 19.86
CA ASP D 257 19.53 18.92 21.08
C ASP D 257 20.28 18.52 22.34
N TYR D 258 21.61 18.46 22.28
CA TYR D 258 22.42 18.16 23.46
C TYR D 258 23.85 18.63 23.17
N ASP D 259 24.65 18.71 24.24
CA ASP D 259 26.05 19.12 24.13
C ASP D 259 26.93 17.87 24.19
N PRO D 260 27.52 17.44 23.08
CA PRO D 260 28.26 16.17 23.10
C PRO D 260 29.38 16.16 24.11
N SER D 261 30.01 17.31 24.36
CA SER D 261 31.13 17.33 25.31
C SER D 261 30.70 17.13 26.76
N LYS D 262 29.42 17.28 27.09
CA LYS D 262 28.95 17.16 28.46
C LYS D 262 28.43 15.76 28.78
N VAL D 263 28.37 14.87 27.80
CA VAL D 263 27.81 13.53 28.00
C VAL D 263 28.80 12.66 28.75
N VAL D 264 28.33 11.98 29.80
CA VAL D 264 29.11 10.94 30.46
C VAL D 264 28.34 9.64 30.29
N ILE D 265 28.98 8.64 29.70
CA ILE D 265 28.37 7.32 29.57
C ILE D 265 28.77 6.49 30.79
N HIS D 266 27.81 6.17 31.64
CA HIS D 266 28.02 5.11 32.65
C HIS D 266 27.46 3.80 32.10
#